data_6BSI
#
_entry.id   6BSI
#
_cell.length_a   163.850
_cell.length_b   163.850
_cell.length_c   129.570
_cell.angle_alpha   90.00
_cell.angle_beta   90.00
_cell.angle_gamma   120.00
#
_symmetry.space_group_name_H-M   'P 31 2 1'
#
loop_
_entity.id
_entity.type
_entity.pdbx_description
1 polymer 'REVERSE TRANSCRIPTASE P66 SUBUNIT'
2 polymer 'REVERSE TRANSCRIPTASE P51 SUBUNIT'
3 polymer "DNA (5'-D(*GP*TP*TP*TP*TP*TP*CP*TP*TP*TP*TP*GP*TP*TP*AP*TP*TP*GP*TP*GP*GP*CP*C)-3')"
4 polymer 'RNA (25-MER)'
5 non-polymer (-)-6-CHLORO-4-CYCLOPROPYLETHYNYL-4-TRIFLUOROMETHYL-1,4-DIHYDRO-2H-3,1-BENZOXAZIN-2-ONE
6 non-polymer 'CALCIUM ION'
7 non-polymer GLYCEROL
8 water water
#
loop_
_entity_poly.entity_id
_entity_poly.type
_entity_poly.pdbx_seq_one_letter_code
_entity_poly.pdbx_strand_id
1 'polypeptide(L)'
;GPISPIETVPVKLKPGMDGPKVKQWPLTEEKIKALVEICTEMEKEGKISKIGPENPYNTPVFAIKKKDGTKWRKLVDFRE
LNKKTQDFWEVQLGIPHPAGLKKKKSVTVLDVGDAYFSVPLDEDFRKYTAFTIPSINNETPGIRYQYNVLPQGWKGSPAI
FQSSMTKILEPFRKQNPDIVIYQYMDDLYVGSDLEIGQHRTKIEELRQHLLRWGLTTPDKKHQKEPPFLWMGYELHPDKW
TVQPIVLPEKDSWTVNDIQKLVGKLNWASQIYPGIKVRQLCKLLRGTKALTEVIPLTEEAELELAENREILKEPVHGVYY
DPSKDLIAEIQKQGQGQWTYQIYQEPFKNLKTGKYARMRGAHTNDVKQLTEAVQKITTESIVIWGKTPKFKLPIQKETWE
TWWTEYWQATWVPEWEFVNTPPLVKLWYQLEKEPIVGAETFYVDGAASRETKLGKAGYVTNKGRQKVVTLTDTTNQKTEL
QAIHLALQDSGLEVNIVTDSQYALGIIQAQPDQSESELVNQIIEQLIKKEKVYLAWVPAHKGIGGNEQVDKLVSAGIR
;
A
2 'polypeptide(L)'
;GPISPIETVPVKLKPGMDGPKVKQWPLTEEKIKALVEICTEMEKEGKISKIGPENPYNTPVFAIKKKDGTKWRKLVDFRE
LNKKTQDFWEVQLGIPHPAGLKKKKSVTVLDVGDAYFSVPLDEDFRKYTAFTIPSINNETPGIRYQYNVLPQGWKGSPAI
FQSSMTKILEPFRKQNPDIVIYQYMDDLYVGSDLEIGQHRTKIEELRQHLLRWGLTTPDKKHQKEPPFLWMGYELHPDKW
TVQPIVLPEKDSWTVNDIQKLVGKLNWASQIYPGIKVRQLCKLLRGTKALTEVIPLTEEAELELAENREILKEPVHGVYY
DPSKDLIAEIQKQGQGQWTYQIYQEPFKNLKTGKYARMRGAHTNDVKQLTEAVQKITTESIVIWGKTPKFKLPIQKETWE
TWWTEYWQATWVPEWEFVNTPPLVKLWYQLEKEPIVGAETF
;
B
3 'polydeoxyribonucleotide'
;(DG)(DT)(DT)(DT)(DT)(DT)(DC)(DT)(DT)(DT)(DT)(DG)(DT)(DT)(DA)(DT)(DT)(DG)(DT)(DG)
(DG)(DC)(DC)
;
D
4 'polyribonucleotide' GA(3DR)GGCCACAAUAACAAAAGAAAAA R
#
# COMPACT_ATOMS: atom_id res chain seq x y z
N PRO A 5 16.39 36.10 18.76
CA PRO A 5 15.01 36.29 19.23
C PRO A 5 14.13 35.12 18.84
N ILE A 6 14.73 34.18 18.11
CA ILE A 6 14.06 32.93 17.75
C ILE A 6 14.06 32.04 18.99
N GLU A 7 12.89 31.52 19.35
CA GLU A 7 12.79 30.70 20.56
C GLU A 7 13.32 29.30 20.27
N THR A 8 13.93 28.67 21.27
CA THR A 8 14.56 27.39 20.96
C THR A 8 13.53 26.24 20.91
N VAL A 9 13.95 25.16 20.26
CA VAL A 9 13.16 23.93 20.18
C VAL A 9 13.70 22.99 21.27
N PRO A 10 12.85 22.46 22.16
CA PRO A 10 13.40 21.58 23.20
C PRO A 10 13.82 20.26 22.55
N VAL A 11 15.05 19.86 22.80
CA VAL A 11 15.60 18.68 22.15
C VAL A 11 16.24 17.79 23.22
N LYS A 12 15.94 16.50 23.16
CA LYS A 12 16.42 15.53 24.13
C LYS A 12 17.25 14.44 23.46
N LEU A 13 18.02 13.73 24.29
CA LEU A 13 18.77 12.53 23.89
C LEU A 13 17.86 11.31 23.84
N LYS A 14 18.27 10.32 23.06
CA LYS A 14 17.55 9.05 23.04
C LYS A 14 17.49 8.50 24.46
N PRO A 15 16.34 7.95 24.85
CA PRO A 15 16.15 7.48 26.24
C PRO A 15 17.28 6.57 26.69
N GLY A 16 17.82 6.87 27.86
CA GLY A 16 18.86 6.08 28.48
C GLY A 16 20.23 6.25 27.87
N MET A 17 20.52 7.39 27.27
CA MET A 17 21.85 7.63 26.71
C MET A 17 22.46 8.86 27.35
N ASP A 18 23.79 8.87 27.43
CA ASP A 18 24.55 10.04 27.80
C ASP A 18 25.19 10.59 26.53
N GLY A 19 25.84 11.76 26.65
CA GLY A 19 26.42 12.41 25.50
C GLY A 19 27.73 11.79 25.12
N PRO A 20 28.32 12.32 24.06
CA PRO A 20 29.56 11.74 23.56
C PRO A 20 30.70 12.03 24.49
N LYS A 21 31.50 10.99 24.72
CA LYS A 21 32.72 11.05 25.50
C LYS A 21 33.88 10.52 24.67
N VAL A 22 34.13 11.16 23.52
CA VAL A 22 35.15 10.70 22.58
C VAL A 22 36.46 11.43 22.86
N LYS A 23 37.58 10.72 22.75
CA LYS A 23 38.87 11.35 22.97
C LYS A 23 39.29 12.17 21.75
N GLN A 24 39.95 13.29 22.03
CA GLN A 24 40.44 14.20 20.99
C GLN A 24 41.92 13.94 20.76
N TRP A 25 42.28 13.70 19.51
CA TRP A 25 43.66 13.42 19.13
C TRP A 25 44.44 14.71 18.93
N PRO A 26 45.76 14.62 18.87
CA PRO A 26 46.58 15.81 18.58
C PRO A 26 46.59 16.16 17.11
N LEU A 27 47.06 17.37 16.83
CA LEU A 27 46.95 17.96 15.51
C LEU A 27 48.23 18.69 15.15
N THR A 28 48.36 19.00 13.84
CA THR A 28 49.48 19.80 13.36
C THR A 28 49.52 21.14 14.10
N GLU A 29 50.74 21.61 14.36
CA GLU A 29 50.91 22.99 14.84
C GLU A 29 50.32 24.00 13.87
N GLU A 30 50.41 23.74 12.56
CA GLU A 30 49.74 24.59 11.59
C GLU A 30 48.22 24.48 11.70
N LYS A 31 47.70 23.27 11.97
CA LYS A 31 46.27 23.06 12.16
C LYS A 31 45.78 23.71 13.46
N ILE A 32 46.51 23.49 14.55
CA ILE A 32 46.13 24.10 15.83
C ILE A 32 46.12 25.61 15.71
N LYS A 33 47.07 26.19 14.96
CA LYS A 33 47.11 27.64 14.82
C LYS A 33 45.91 28.16 14.04
N ALA A 34 45.43 27.37 13.07
CA ALA A 34 44.34 27.85 12.24
C ALA A 34 43.01 27.75 12.98
N LEU A 35 42.81 26.66 13.73
CA LEU A 35 41.55 26.46 14.43
C LEU A 35 41.35 27.53 15.48
N VAL A 36 42.40 27.87 16.23
CA VAL A 36 42.23 28.80 17.35
C VAL A 36 41.72 30.15 16.84
N GLU A 37 42.12 30.54 15.62
CA GLU A 37 41.62 31.81 15.08
C GLU A 37 40.19 31.68 14.58
N ILE A 38 39.80 30.48 14.11
CA ILE A 38 38.41 30.27 13.69
C ILE A 38 37.49 30.30 14.90
N CYS A 39 37.87 29.60 15.97
CA CYS A 39 37.03 29.55 17.16
C CYS A 39 37.04 30.88 17.90
N THR A 40 38.17 31.56 17.96
CA THR A 40 38.22 32.84 18.67
C THR A 40 37.25 33.83 18.04
N GLU A 41 37.13 33.78 16.72
CA GLU A 41 36.12 34.58 16.04
C GLU A 41 34.72 34.12 16.42
N MET A 42 34.42 32.81 16.27
CA MET A 42 33.08 32.31 16.62
C MET A 42 32.71 32.66 18.05
N GLU A 43 33.67 32.66 18.98
CA GLU A 43 33.37 33.00 20.36
C GLU A 43 32.97 34.46 20.50
N LYS A 44 33.67 35.34 19.77
CA LYS A 44 33.34 36.76 19.82
C LYS A 44 31.93 37.01 19.33
N GLU A 45 31.53 36.30 18.27
CA GLU A 45 30.20 36.46 17.71
C GLU A 45 29.13 35.69 18.46
N GLY A 46 29.48 35.00 19.55
CA GLY A 46 28.52 34.28 20.36
C GLY A 46 28.00 32.99 19.80
N LYS A 47 28.66 32.41 18.81
CA LYS A 47 28.25 31.11 18.28
C LYS A 47 28.67 29.97 19.21
N ILE A 48 29.86 30.08 19.81
CA ILE A 48 30.39 29.11 20.75
C ILE A 48 30.79 29.86 22.01
N SER A 49 31.06 29.11 23.06
CA SER A 49 31.49 29.68 24.32
C SER A 49 32.53 28.77 24.95
N LYS A 50 33.54 29.38 25.56
CA LYS A 50 34.54 28.60 26.30
C LYS A 50 33.90 27.89 27.49
N ILE A 51 34.34 26.65 27.77
CA ILE A 51 33.86 25.89 28.91
C ILE A 51 35.03 25.38 29.73
N GLY A 52 34.69 24.79 30.88
CA GLY A 52 35.67 24.35 31.83
C GLY A 52 35.51 22.90 32.26
N PRO A 53 36.12 22.57 33.41
CA PRO A 53 36.08 21.19 33.92
C PRO A 53 34.68 20.66 34.22
N GLU A 54 33.71 21.52 34.48
CA GLU A 54 32.36 21.07 34.82
C GLU A 54 31.74 20.19 33.75
N ASN A 55 32.25 20.22 32.51
CA ASN A 55 31.63 19.54 31.40
C ASN A 55 32.37 18.25 31.12
N PRO A 56 31.73 17.10 31.23
CA PRO A 56 32.40 15.82 31.00
C PRO A 56 32.39 15.36 29.55
N TYR A 57 31.75 16.07 28.63
CA TYR A 57 31.59 15.53 27.29
C TYR A 57 32.66 16.07 26.35
N ASN A 58 32.85 15.35 25.24
CA ASN A 58 33.70 15.84 24.17
C ASN A 58 33.43 15.09 22.88
N THR A 59 33.70 15.80 21.78
CA THR A 59 33.55 15.40 20.39
C THR A 59 34.74 15.94 19.62
N PRO A 60 35.28 15.14 18.69
CA PRO A 60 36.54 15.50 18.06
C PRO A 60 36.34 16.46 16.92
N VAL A 61 37.28 17.40 16.83
CA VAL A 61 37.31 18.33 15.71
C VAL A 61 37.50 17.55 14.41
N PHE A 62 36.81 18.01 13.36
CA PHE A 62 36.96 17.39 12.04
C PHE A 62 38.37 17.64 11.52
N LYS A 74 31.58 21.28 7.64
CA LYS A 74 31.51 20.82 9.04
C LYS A 74 32.84 21.06 9.80
N LEU A 75 32.74 21.58 11.03
CA LEU A 75 33.91 21.86 11.86
C LEU A 75 34.17 20.76 12.88
N VAL A 76 33.11 20.09 13.34
CA VAL A 76 33.15 19.09 14.40
C VAL A 76 32.39 17.87 13.94
N ASP A 77 32.90 16.69 14.25
CA ASP A 77 32.35 15.45 13.71
C ASP A 77 31.39 14.86 14.72
N PHE A 78 30.09 15.07 14.50
CA PHE A 78 29.08 14.67 15.47
C PHE A 78 28.48 13.31 15.19
N ARG A 79 29.24 12.36 14.62
CA ARG A 79 28.68 11.04 14.36
C ARG A 79 28.03 10.49 15.61
N GLU A 80 28.73 10.64 16.74
CA GLU A 80 28.33 9.96 17.98
C GLU A 80 27.17 10.69 18.62
N LEU A 81 27.25 12.03 18.64
CA LEU A 81 26.14 12.82 19.15
C LEU A 81 24.89 12.57 18.33
N ASN A 82 25.03 12.38 17.01
CA ASN A 82 23.87 12.15 16.17
C ASN A 82 23.23 10.79 16.48
N LYS A 83 24.06 9.78 16.73
CA LYS A 83 23.55 8.49 17.18
C LYS A 83 22.78 8.63 18.48
N LYS A 84 23.22 9.54 19.37
CA LYS A 84 22.62 9.69 20.69
C LYS A 84 21.46 10.66 20.73
N THR A 85 21.30 11.49 19.69
CA THR A 85 20.24 12.48 19.65
C THR A 85 18.92 11.86 19.22
N GLN A 86 17.84 12.30 19.84
CA GLN A 86 16.49 11.85 19.50
C GLN A 86 16.22 11.84 17.99
N ASP A 87 15.26 11.02 17.56
CA ASP A 87 14.78 11.12 16.20
C ASP A 87 13.86 12.31 16.10
N PHE A 88 13.72 12.81 14.86
CA PHE A 88 12.78 13.90 14.57
C PHE A 88 11.75 13.39 13.57
N TRP A 89 10.72 14.20 13.35
CA TRP A 89 9.86 13.81 12.24
C TRP A 89 10.50 14.15 10.92
N GLU A 90 10.13 13.38 9.90
CA GLU A 90 10.70 13.57 8.57
C GLU A 90 10.66 15.03 8.16
N VAL A 91 11.77 15.51 7.59
CA VAL A 91 11.87 16.87 7.05
C VAL A 91 12.13 16.80 5.56
N GLN A 92 11.31 17.52 4.78
CA GLN A 92 11.30 17.45 3.33
C GLN A 92 11.61 16.01 2.88
N LEU A 93 10.74 15.08 3.31
CA LEU A 93 10.95 13.66 3.07
C LEU A 93 11.26 13.40 1.59
N GLY A 94 10.27 13.67 0.72
CA GLY A 94 10.48 13.63 -0.70
C GLY A 94 10.80 15.02 -1.23
N ILE A 95 11.31 15.06 -2.45
CA ILE A 95 11.61 16.37 -3.02
C ILE A 95 10.57 16.68 -4.08
N PRO A 96 10.24 17.96 -4.29
CA PRO A 96 9.25 18.32 -5.31
C PRO A 96 9.71 17.87 -6.68
N HIS A 97 8.71 17.47 -7.52
CA HIS A 97 9.17 17.25 -8.88
C HIS A 97 8.92 18.50 -9.71
N PRO A 98 9.87 18.92 -10.54
CA PRO A 98 9.64 20.14 -11.28
C PRO A 98 8.29 20.16 -11.98
N ALA A 99 7.83 18.99 -12.47
CA ALA A 99 6.59 18.93 -13.24
C ALA A 99 5.33 19.14 -12.40
N GLY A 100 5.44 19.39 -11.10
CA GLY A 100 4.30 19.80 -10.31
C GLY A 100 4.31 21.26 -9.91
N LEU A 101 5.37 21.97 -10.34
CA LEU A 101 5.44 23.39 -10.16
C LEU A 101 4.49 24.08 -11.14
N LYS A 102 3.91 25.19 -10.71
CA LYS A 102 3.07 25.95 -11.61
C LYS A 102 3.92 27.03 -12.25
N LYS A 103 3.56 27.40 -13.49
CA LYS A 103 4.30 28.40 -14.26
C LYS A 103 4.27 29.76 -13.57
N LYS A 104 5.37 30.49 -13.68
CA LYS A 104 5.48 31.81 -13.08
C LYS A 104 6.17 32.77 -14.06
N LYS A 105 5.91 34.07 -13.90
CA LYS A 105 6.60 34.99 -14.80
C LYS A 105 7.85 35.61 -14.16
N SER A 106 7.87 35.75 -12.83
CA SER A 106 9.04 36.20 -12.09
C SER A 106 9.46 35.18 -11.02
N VAL A 107 10.73 34.75 -11.04
CA VAL A 107 11.28 33.85 -10.02
C VAL A 107 12.51 34.48 -9.40
N THR A 108 12.84 34.08 -8.21
CA THR A 108 13.89 34.67 -7.40
C THR A 108 14.35 33.60 -6.43
N VAL A 109 15.66 33.47 -6.24
CA VAL A 109 16.18 32.55 -5.24
C VAL A 109 17.10 33.33 -4.31
N LEU A 110 16.77 33.33 -3.03
CA LEU A 110 17.58 33.88 -1.95
C LEU A 110 18.14 32.71 -1.19
N ASP A 111 19.43 32.68 -1.03
CA ASP A 111 20.07 31.67 -0.18
C ASP A 111 20.37 32.33 1.16
N VAL A 112 19.77 31.80 2.22
CA VAL A 112 19.96 32.37 3.55
C VAL A 112 21.34 31.98 4.04
N GLY A 113 22.13 32.97 4.43
CA GLY A 113 23.56 32.78 4.49
C GLY A 113 24.01 32.25 5.83
N ASP A 114 23.65 32.96 6.88
CA ASP A 114 23.99 32.59 8.25
C ASP A 114 22.90 31.73 8.86
N ALA A 115 22.45 30.72 8.12
CA ALA A 115 21.20 30.05 8.44
C ALA A 115 21.27 29.46 9.83
N TYR A 116 22.13 28.46 9.95
CA TYR A 116 22.32 27.76 11.20
C TYR A 116 22.72 28.73 12.31
N PHE A 117 23.68 29.62 12.03
CA PHE A 117 24.15 30.52 13.08
C PHE A 117 23.08 31.46 13.59
N SER A 118 21.92 31.48 12.94
CA SER A 118 20.91 32.45 13.32
C SER A 118 19.83 31.86 14.20
N VAL A 119 19.87 30.56 14.44
CA VAL A 119 18.92 29.87 15.31
C VAL A 119 19.67 29.43 16.54
N PRO A 120 19.22 29.78 17.73
CA PRO A 120 19.93 29.36 18.95
C PRO A 120 19.59 27.93 19.38
N LEU A 121 20.58 27.28 20.02
CA LEU A 121 20.45 25.88 20.45
C LEU A 121 19.80 25.80 21.82
N ASP A 122 18.96 24.77 22.00
CA ASP A 122 18.27 24.57 23.26
C ASP A 122 19.24 24.58 24.43
N GLU A 123 18.97 25.44 25.41
CA GLU A 123 19.99 25.74 26.40
C GLU A 123 20.49 24.48 27.07
N ASP A 124 19.58 23.60 27.47
CA ASP A 124 20.02 22.43 28.19
C ASP A 124 20.78 21.46 27.31
N PHE A 125 20.49 21.43 26.01
CA PHE A 125 21.19 20.52 25.12
C PHE A 125 22.62 20.96 24.83
N ARG A 126 22.99 22.20 25.15
CA ARG A 126 24.24 22.69 24.60
C ARG A 126 25.43 22.00 25.21
N LYS A 127 25.32 21.56 26.46
CA LYS A 127 26.45 20.91 27.12
C LYS A 127 26.98 19.69 26.34
N TYR A 128 26.14 19.02 25.56
CA TYR A 128 26.56 17.83 24.83
C TYR A 128 27.40 18.15 23.62
N THR A 129 27.47 19.39 23.21
CA THR A 129 28.16 19.70 21.96
C THR A 129 29.60 20.12 22.20
N ALA A 130 30.18 19.73 23.33
CA ALA A 130 31.47 20.29 23.69
C ALA A 130 32.58 19.71 22.80
N PHE A 131 33.57 20.54 22.49
CA PHE A 131 34.74 20.10 21.75
C PHE A 131 36.01 20.76 22.30
N THR A 132 37.16 20.25 21.86
CA THR A 132 38.46 20.68 22.38
C THR A 132 39.45 20.96 21.26
N ILE A 133 40.08 22.13 21.28
CA ILE A 133 41.30 22.39 20.52
C ILE A 133 42.49 22.07 21.42
N PRO A 134 43.28 21.04 21.13
CA PRO A 134 44.42 20.70 21.98
C PRO A 134 45.57 21.68 21.78
N SER A 135 46.43 21.73 22.80
CA SER A 135 47.66 22.49 22.67
C SER A 135 48.70 21.64 21.95
N ILE A 136 49.76 22.30 21.48
CA ILE A 136 50.71 21.61 20.62
C ILE A 136 51.53 20.61 21.43
N ASN A 137 52.00 21.01 22.62
CA ASN A 137 52.89 20.14 23.39
C ASN A 137 52.17 18.89 23.86
N ASN A 138 50.87 19.02 24.11
CA ASN A 138 49.98 17.95 24.54
C ASN A 138 50.31 17.43 25.94
N GLU A 139 51.14 18.14 26.71
CA GLU A 139 51.27 17.88 28.13
C GLU A 139 50.38 18.78 28.98
N THR A 140 49.88 19.89 28.42
CA THR A 140 48.91 20.77 29.05
C THR A 140 47.58 20.71 28.32
N PRO A 141 46.44 20.63 29.02
CA PRO A 141 45.15 20.53 28.34
C PRO A 141 44.85 21.75 27.46
N GLY A 142 43.99 21.53 26.45
CA GLY A 142 43.70 22.56 25.47
C GLY A 142 42.44 23.34 25.78
N ILE A 143 42.06 24.21 24.83
CA ILE A 143 40.91 25.08 25.01
C ILE A 143 39.64 24.31 24.66
N ARG A 144 38.62 24.41 25.51
CA ARG A 144 37.35 23.72 25.32
C ARG A 144 36.21 24.70 25.07
N TYR A 145 35.25 24.29 24.22
CA TYR A 145 34.08 25.10 23.88
C TYR A 145 32.82 24.22 23.78
N GLN A 146 31.64 24.87 23.75
CA GLN A 146 30.37 24.22 23.38
C GLN A 146 29.53 25.19 22.54
N TYR A 147 28.57 24.63 21.81
CA TYR A 147 27.80 25.39 20.82
C TYR A 147 26.64 26.09 21.48
N ASN A 148 26.38 27.33 21.08
CA ASN A 148 25.18 28.05 21.47
C ASN A 148 24.14 28.10 20.38
N VAL A 149 24.52 27.71 19.15
CA VAL A 149 23.65 27.76 17.98
C VAL A 149 23.69 26.39 17.29
N LEU A 150 22.69 26.14 16.45
CA LEU A 150 22.58 24.88 15.71
C LEU A 150 23.92 24.56 15.09
N PRO A 151 24.56 23.46 15.46
CA PRO A 151 25.88 23.16 14.91
C PRO A 151 25.77 22.59 13.52
N GLN A 152 26.79 22.84 12.70
CA GLN A 152 26.88 22.21 11.39
C GLN A 152 27.00 20.69 11.52
N GLY A 153 26.10 19.97 10.84
CA GLY A 153 26.10 18.53 10.81
C GLY A 153 25.53 17.85 12.03
N TRP A 154 24.89 18.57 12.91
CA TRP A 154 24.14 17.95 13.97
C TRP A 154 22.81 17.48 13.41
N LYS A 155 22.44 16.22 13.72
CA LYS A 155 21.24 15.58 13.19
C LYS A 155 20.01 16.48 13.25
N GLY A 156 19.89 17.28 14.31
CA GLY A 156 18.70 18.10 14.48
C GLY A 156 18.74 19.44 13.79
N SER A 157 19.92 19.88 13.38
CA SER A 157 20.03 21.23 12.83
C SER A 157 19.16 21.48 11.62
N PRO A 158 19.08 20.61 10.60
CA PRO A 158 18.19 20.90 9.47
C PRO A 158 16.72 21.02 9.83
N ALA A 159 16.20 20.12 10.66
CA ALA A 159 14.78 20.13 10.97
C ALA A 159 14.41 21.33 11.81
N ILE A 160 15.27 21.71 12.74
CA ILE A 160 14.96 22.81 13.65
C ILE A 160 15.05 24.14 12.92
N PHE A 161 16.03 24.26 12.00
CA PHE A 161 16.10 25.47 11.17
C PHE A 161 14.83 25.60 10.34
N GLN A 162 14.40 24.52 9.70
CA GLN A 162 13.20 24.58 8.88
C GLN A 162 11.99 24.94 9.71
N SER A 163 11.92 24.47 10.94
CA SER A 163 10.80 24.85 11.80
C SER A 163 10.84 26.34 12.08
N SER A 164 12.03 26.89 12.33
CA SER A 164 12.15 28.33 12.52
C SER A 164 11.77 29.06 11.24
N MET A 165 12.33 28.62 10.10
CA MET A 165 12.07 29.34 8.87
C MET A 165 10.60 29.31 8.52
N THR A 166 9.89 28.22 8.78
CA THR A 166 8.48 28.20 8.43
C THR A 166 7.69 29.15 9.31
N LYS A 167 8.11 29.32 10.55
CA LYS A 167 7.40 30.25 11.41
C LYS A 167 7.65 31.68 10.96
N ILE A 168 8.90 32.00 10.64
CA ILE A 168 9.24 33.34 10.19
C ILE A 168 8.47 33.70 8.93
N LEU A 169 8.40 32.78 7.98
CA LEU A 169 7.74 33.07 6.71
C LEU A 169 6.23 33.19 6.82
N GLU A 170 5.64 32.78 7.95
CA GLU A 170 4.17 32.72 8.01
C GLU A 170 3.52 34.09 7.79
N PRO A 171 3.80 35.13 8.59
CA PRO A 171 3.14 36.42 8.36
C PRO A 171 3.30 36.93 6.93
N PHE A 172 4.51 36.86 6.39
CA PHE A 172 4.71 37.38 5.04
C PHE A 172 3.86 36.63 4.03
N ARG A 173 3.68 35.31 4.24
CA ARG A 173 2.76 34.55 3.40
C ARG A 173 1.33 35.04 3.59
N LYS A 174 0.98 35.35 4.85
CA LYS A 174 -0.35 35.86 5.19
C LYS A 174 -0.64 37.20 4.51
N GLN A 175 0.29 38.16 4.58
CA GLN A 175 0.10 39.46 3.92
C GLN A 175 0.21 39.39 2.41
N ASN A 176 0.73 38.32 1.84
CA ASN A 176 1.02 38.25 0.41
C ASN A 176 0.64 36.89 -0.18
N PRO A 177 -0.65 36.57 -0.21
CA PRO A 177 -1.09 35.25 -0.68
C PRO A 177 -0.64 34.83 -2.08
N ASP A 178 -0.60 35.74 -3.03
CA ASP A 178 -0.32 35.35 -4.40
C ASP A 178 1.15 34.95 -4.62
N ILE A 179 2.04 35.19 -3.64
CA ILE A 179 3.45 34.84 -3.78
C ILE A 179 3.67 33.45 -3.22
N VAL A 180 4.23 32.56 -4.03
CA VAL A 180 4.58 31.22 -3.56
C VAL A 180 6.02 31.25 -3.07
N ILE A 181 6.24 30.75 -1.87
CA ILE A 181 7.57 30.61 -1.32
C ILE A 181 7.77 29.15 -1.00
N TYR A 182 8.70 28.52 -1.68
CA TYR A 182 9.08 27.16 -1.36
C TYR A 182 10.42 27.18 -0.66
N GLN A 183 10.53 26.44 0.40
CA GLN A 183 11.70 26.44 1.23
C GLN A 183 12.42 25.12 1.03
N TYR A 184 13.73 25.16 0.79
CA TYR A 184 14.51 23.95 0.59
C TYR A 184 15.98 24.19 1.00
N MET A 185 16.42 23.51 2.05
CA MET A 185 17.71 23.74 2.70
C MET A 185 17.85 25.20 3.10
N ASP A 186 19.02 25.74 2.84
CA ASP A 186 19.32 27.13 3.12
C ASP A 186 18.71 28.11 2.12
N ASP A 187 17.91 27.64 1.15
CA ASP A 187 17.45 28.47 0.05
C ASP A 187 15.95 28.69 0.11
N LEU A 188 15.52 29.88 -0.29
CA LEU A 188 14.12 30.21 -0.49
C LEU A 188 13.91 30.44 -1.98
N TYR A 189 12.96 29.72 -2.57
CA TYR A 189 12.56 29.93 -3.96
C TYR A 189 11.24 30.68 -3.99
N VAL A 190 11.24 31.91 -4.54
CA VAL A 190 10.09 32.80 -4.45
C VAL A 190 9.56 33.07 -5.84
N GLY A 191 8.26 32.95 -6.00
CA GLY A 191 7.62 32.99 -7.31
C GLY A 191 6.32 33.76 -7.31
N SER A 192 6.11 34.55 -8.38
CA SER A 192 4.94 35.41 -8.49
C SER A 192 4.60 35.61 -9.94
N ASP A 193 3.38 36.06 -10.16
CA ASP A 193 2.95 36.49 -11.48
C ASP A 193 2.96 38.00 -11.60
N LEU A 194 3.56 38.69 -10.62
CA LEU A 194 3.77 40.12 -10.71
C LEU A 194 4.73 40.45 -11.85
N GLU A 195 4.62 41.67 -12.37
CA GLU A 195 5.58 42.19 -13.33
C GLU A 195 6.90 42.51 -12.64
N ILE A 196 7.99 42.41 -13.42
CA ILE A 196 9.32 42.21 -12.84
C ILE A 196 9.65 43.29 -11.83
N GLY A 197 9.16 44.50 -12.06
CA GLY A 197 9.41 45.56 -11.12
C GLY A 197 8.71 45.35 -9.79
N GLN A 198 7.41 45.04 -9.83
CA GLN A 198 6.72 44.81 -8.58
C GLN A 198 7.22 43.53 -7.94
N HIS A 199 7.61 42.55 -8.76
CA HIS A 199 8.25 41.38 -8.18
C HIS A 199 9.48 41.77 -7.41
N ARG A 200 10.32 42.63 -8.02
CA ARG A 200 11.56 42.99 -7.35
C ARG A 200 11.29 43.78 -6.08
N THR A 201 10.14 44.45 -6.01
CA THR A 201 9.79 45.16 -4.79
C THR A 201 9.45 44.18 -3.69
N LYS A 202 8.70 43.14 -4.04
CA LYS A 202 8.25 42.15 -3.05
C LYS A 202 9.44 41.37 -2.51
N ILE A 203 10.40 41.03 -3.38
CA ILE A 203 11.57 40.30 -2.93
C ILE A 203 12.29 41.07 -1.85
N GLU A 204 12.45 42.38 -2.05
CA GLU A 204 13.15 43.17 -1.05
C GLU A 204 12.31 43.34 0.21
N GLU A 205 11.00 43.41 0.07
CA GLU A 205 10.16 43.34 1.26
C GLU A 205 10.45 42.06 2.05
N LEU A 206 10.51 40.93 1.35
CA LEU A 206 10.83 39.67 2.00
C LEU A 206 12.18 39.73 2.68
N ARG A 207 13.18 40.28 1.98
CA ARG A 207 14.53 40.37 2.54
C ARG A 207 14.53 41.16 3.82
N GLN A 208 13.75 42.24 3.85
CA GLN A 208 13.63 43.05 5.06
C GLN A 208 13.01 42.24 6.18
N HIS A 209 11.95 41.49 5.86
CA HIS A 209 11.26 40.74 6.90
C HIS A 209 12.19 39.67 7.48
N LEU A 210 12.90 38.95 6.61
CA LEU A 210 13.87 37.96 7.06
C LEU A 210 15.01 38.58 7.86
N LEU A 211 15.39 39.81 7.54
CA LEU A 211 16.53 40.39 8.22
C LEU A 211 16.18 40.81 9.63
N ARG A 212 14.90 41.07 9.89
CA ARG A 212 14.43 41.33 11.24
C ARG A 212 14.81 40.21 12.20
N TRP A 213 14.96 38.98 11.70
CA TRP A 213 15.33 37.84 12.51
C TRP A 213 16.78 37.42 12.35
N GLY A 214 17.61 38.23 11.70
CA GLY A 214 19.00 37.88 11.61
C GLY A 214 19.38 37.03 10.43
N LEU A 215 18.44 36.66 9.57
CA LEU A 215 18.73 35.90 8.36
C LEU A 215 19.09 36.86 7.22
N THR A 216 20.24 36.65 6.60
CA THR A 216 20.71 37.52 5.52
C THR A 216 20.62 36.82 4.16
N THR A 217 20.34 37.60 3.12
CA THR A 217 20.22 37.10 1.76
C THR A 217 20.83 38.10 0.77
N PRO A 218 21.15 37.65 -0.44
CA PRO A 218 21.79 38.53 -1.41
C PRO A 218 20.86 39.64 -1.89
N ASP A 219 21.42 40.85 -2.02
CA ASP A 219 20.68 41.98 -2.57
C ASP A 219 20.37 41.78 -4.07
N LYS A 220 19.68 42.77 -4.66
CA LYS A 220 19.25 42.64 -6.05
C LYS A 220 20.41 42.43 -6.99
N LYS A 221 21.54 43.10 -6.72
CA LYS A 221 22.69 42.99 -7.60
C LYS A 221 23.29 41.61 -7.54
N HIS A 222 23.11 40.89 -6.43
CA HIS A 222 23.75 39.61 -6.24
C HIS A 222 22.81 38.40 -6.37
N GLN A 223 21.51 38.60 -6.51
CA GLN A 223 20.60 37.49 -6.80
C GLN A 223 20.92 36.86 -8.15
N LYS A 224 20.73 35.55 -8.25
CA LYS A 224 21.05 34.88 -9.51
C LYS A 224 19.89 35.01 -10.50
N GLU A 225 20.19 34.97 -11.66
CA GLU A 225 19.23 35.13 -12.74
C GLU A 225 18.82 33.78 -13.30
N PRO A 226 17.55 33.55 -13.65
CA PRO A 226 17.13 32.26 -14.21
C PRO A 226 17.84 31.94 -15.51
N PRO A 227 17.93 30.66 -15.90
CA PRO A 227 17.46 29.48 -15.17
C PRO A 227 18.27 29.16 -13.94
N PHE A 228 17.61 28.49 -13.00
CA PHE A 228 18.15 28.10 -11.72
C PHE A 228 18.48 26.61 -11.72
N LEU A 229 19.70 26.27 -11.31
CA LEU A 229 20.08 24.86 -11.12
C LEU A 229 19.62 24.39 -9.75
N TRP A 230 18.99 23.22 -9.71
CA TRP A 230 18.40 22.73 -8.46
C TRP A 230 18.23 21.23 -8.57
N MET A 231 18.97 20.49 -7.75
CA MET A 231 18.74 19.06 -7.63
C MET A 231 18.92 18.37 -8.97
N GLY A 232 19.78 18.93 -9.81
CA GLY A 232 20.04 18.38 -11.11
C GLY A 232 19.07 18.79 -12.20
N TYR A 233 18.01 19.48 -11.85
CA TYR A 233 17.15 20.10 -12.83
C TYR A 233 17.66 21.50 -13.12
N GLU A 234 17.08 22.09 -14.17
CA GLU A 234 17.37 23.43 -14.68
C GLU A 234 16.01 24.11 -14.82
N LEU A 235 15.71 24.98 -13.89
CA LEU A 235 14.39 25.54 -13.76
C LEU A 235 14.33 26.91 -14.43
N HIS A 236 13.58 27.01 -15.54
CA HIS A 236 13.19 28.27 -16.17
C HIS A 236 11.81 28.67 -15.69
N PRO A 237 11.39 29.90 -15.97
CA PRO A 237 10.07 30.32 -15.49
C PRO A 237 8.92 29.62 -16.14
N ASP A 238 9.12 29.01 -17.29
CA ASP A 238 8.03 28.39 -18.04
C ASP A 238 8.33 26.96 -18.49
N LYS A 239 9.55 26.47 -18.28
CA LYS A 239 9.86 25.11 -18.66
C LYS A 239 10.95 24.60 -17.70
N TRP A 240 11.20 23.30 -17.76
CA TRP A 240 12.26 22.69 -16.99
C TRP A 240 12.93 21.67 -17.87
N THR A 241 14.15 21.32 -17.48
CA THR A 241 14.91 20.32 -18.17
C THR A 241 15.99 19.75 -17.24
N VAL A 242 16.64 18.74 -17.73
CA VAL A 242 17.77 18.13 -17.04
C VAL A 242 19.01 18.48 -17.82
N GLN A 243 20.15 18.46 -17.15
CA GLN A 243 21.40 18.74 -17.84
C GLN A 243 21.73 17.54 -18.73
N PRO A 244 22.39 17.77 -19.87
CA PRO A 244 22.50 16.70 -20.86
C PRO A 244 23.33 15.52 -20.37
N ILE A 245 22.97 14.35 -20.89
CA ILE A 245 23.37 13.05 -20.38
C ILE A 245 24.24 12.38 -21.42
N VAL A 246 25.52 12.25 -21.11
CA VAL A 246 26.49 11.65 -22.03
C VAL A 246 26.79 10.22 -21.55
N LEU A 247 26.37 9.22 -22.34
CA LEU A 247 26.80 7.85 -22.11
C LEU A 247 28.13 7.61 -22.79
N PRO A 248 29.24 7.44 -22.06
CA PRO A 248 30.54 7.26 -22.72
C PRO A 248 30.49 6.06 -23.67
N GLU A 249 31.30 6.15 -24.73
CA GLU A 249 31.34 5.09 -25.72
C GLU A 249 32.63 4.32 -25.55
N LYS A 250 32.52 3.07 -25.10
CA LYS A 250 33.69 2.29 -24.74
C LYS A 250 33.61 0.92 -25.41
N ASP A 251 34.79 0.34 -25.68
CA ASP A 251 34.83 -0.98 -26.29
C ASP A 251 34.61 -2.06 -25.25
N SER A 252 35.14 -1.85 -24.05
CA SER A 252 35.08 -2.79 -22.95
C SER A 252 34.33 -2.16 -21.78
N TRP A 253 33.40 -2.93 -21.22
CA TRP A 253 32.52 -2.52 -20.16
C TRP A 253 32.74 -3.41 -18.94
N THR A 254 32.94 -2.79 -17.79
CA THR A 254 32.96 -3.54 -16.55
C THR A 254 31.58 -3.52 -15.90
N VAL A 255 31.42 -4.37 -14.89
CA VAL A 255 30.15 -4.47 -14.17
C VAL A 255 29.80 -3.12 -13.57
N ASN A 256 30.81 -2.42 -13.04
CA ASN A 256 30.62 -1.06 -12.56
C ASN A 256 30.22 -0.13 -13.70
N ASP A 257 30.88 -0.25 -14.84
CA ASP A 257 30.48 0.53 -16.00
C ASP A 257 28.99 0.37 -16.27
N ILE A 258 28.48 -0.86 -16.25
CA ILE A 258 27.08 -1.02 -16.61
C ILE A 258 26.18 -0.45 -15.53
N GLN A 259 26.62 -0.55 -14.27
CA GLN A 259 25.91 0.13 -13.19
C GLN A 259 25.78 1.63 -13.49
N LYS A 260 26.88 2.27 -13.93
CA LYS A 260 26.83 3.71 -14.20
C LYS A 260 25.92 4.04 -15.37
N LEU A 261 25.89 3.20 -16.41
CA LEU A 261 24.96 3.45 -17.51
C LEU A 261 23.54 3.43 -17.03
N VAL A 262 23.15 2.35 -16.33
CA VAL A 262 21.74 2.19 -15.97
C VAL A 262 21.28 3.34 -15.12
N GLY A 263 22.19 3.87 -14.30
CA GLY A 263 21.83 4.96 -13.39
C GLY A 263 21.56 6.26 -14.12
N LYS A 264 22.46 6.62 -15.05
CA LYS A 264 22.25 7.75 -15.96
C LYS A 264 20.98 7.57 -16.76
N LEU A 265 20.81 6.41 -17.41
CA LEU A 265 19.61 6.13 -18.20
C LEU A 265 18.34 6.28 -17.39
N ASN A 266 18.27 5.64 -16.22
CA ASN A 266 17.14 5.83 -15.32
C ASN A 266 16.90 7.32 -15.04
N TRP A 267 17.97 8.09 -14.81
CA TRP A 267 17.83 9.51 -14.48
C TRP A 267 17.14 10.26 -15.60
N ALA A 268 17.45 9.90 -16.83
CA ALA A 268 16.85 10.49 -18.00
C ALA A 268 15.42 10.05 -18.25
N SER A 269 14.98 8.92 -17.68
CA SER A 269 13.68 8.35 -18.02
C SER A 269 12.53 9.33 -17.85
N GLN A 270 12.77 10.45 -17.16
CA GLN A 270 11.64 11.25 -16.71
C GLN A 270 11.20 12.20 -17.78
N ILE A 271 12.16 12.60 -18.62
CA ILE A 271 11.89 13.56 -19.64
C ILE A 271 12.03 12.96 -21.05
N TYR A 272 13.00 12.04 -21.26
CA TYR A 272 13.22 11.36 -22.52
C TYR A 272 12.27 10.18 -22.69
N PRO A 273 11.31 10.24 -23.61
CA PRO A 273 10.37 9.13 -23.70
C PRO A 273 11.05 7.91 -24.30
N GLY A 274 10.56 6.74 -23.86
CA GLY A 274 10.90 5.43 -24.38
C GLY A 274 12.26 4.89 -24.00
N ILE A 275 12.87 5.36 -22.89
CA ILE A 275 14.15 4.79 -22.48
C ILE A 275 13.94 3.35 -22.04
N LYS A 276 14.95 2.51 -22.22
CA LYS A 276 14.83 1.11 -21.80
C LYS A 276 16.15 0.63 -21.23
N VAL A 277 16.07 -0.25 -20.21
CA VAL A 277 17.25 -0.66 -19.48
C VAL A 277 17.33 -2.17 -19.28
N ARG A 278 16.22 -2.88 -19.51
CA ARG A 278 16.11 -4.27 -19.06
C ARG A 278 17.32 -5.10 -19.50
N GLN A 279 17.74 -4.97 -20.77
CA GLN A 279 18.78 -5.86 -21.24
C GLN A 279 20.18 -5.40 -20.88
N LEU A 280 20.36 -4.12 -20.53
CA LEU A 280 21.57 -3.76 -19.80
C LEU A 280 21.50 -4.24 -18.35
N CYS A 281 20.30 -4.37 -17.80
CA CYS A 281 20.15 -4.87 -16.43
C CYS A 281 20.47 -6.35 -16.35
N LYS A 282 20.03 -7.11 -17.36
CA LYS A 282 20.26 -8.56 -17.34
C LYS A 282 21.74 -8.89 -17.27
N LEU A 283 22.60 -8.00 -17.78
CA LEU A 283 24.04 -8.20 -17.65
C LEU A 283 24.51 -8.13 -16.21
N LEU A 284 23.91 -7.24 -15.42
CA LEU A 284 24.36 -7.04 -14.05
C LEU A 284 23.90 -8.14 -13.09
N ARG A 285 23.15 -9.14 -13.59
CA ARG A 285 22.55 -10.17 -12.74
C ARG A 285 23.61 -11.00 -12.03
N GLY A 286 24.64 -11.41 -12.75
CA GLY A 286 25.68 -12.21 -12.12
C GLY A 286 26.46 -11.38 -11.11
N THR A 287 26.50 -11.87 -9.86
CA THR A 287 27.41 -11.30 -8.89
C THR A 287 28.83 -11.43 -9.38
N LYS A 288 29.55 -10.31 -9.35
CA LYS A 288 30.80 -10.21 -10.04
C LYS A 288 31.49 -8.94 -9.54
N ALA A 289 32.81 -9.01 -9.41
CA ALA A 289 33.54 -7.86 -8.86
C ALA A 289 33.32 -6.66 -9.76
N LEU A 290 33.34 -5.47 -9.16
CA LEU A 290 33.12 -4.28 -9.95
C LEU A 290 34.12 -4.14 -11.09
N THR A 291 35.32 -4.73 -10.92
CA THR A 291 36.37 -4.64 -11.94
C THR A 291 36.21 -5.67 -13.06
N GLU A 292 35.41 -6.72 -12.84
CA GLU A 292 35.23 -7.77 -13.83
C GLU A 292 34.65 -7.23 -15.13
N VAL A 293 35.41 -7.34 -16.21
CA VAL A 293 34.91 -6.95 -17.53
C VAL A 293 33.79 -7.90 -17.94
N ILE A 294 32.69 -7.33 -18.41
CA ILE A 294 31.49 -8.09 -18.79
C ILE A 294 31.20 -7.79 -20.26
N PRO A 295 31.04 -8.81 -21.09
CA PRO A 295 30.79 -8.57 -22.52
C PRO A 295 29.30 -8.37 -22.78
N LEU A 296 28.99 -7.34 -23.56
CA LEU A 296 27.60 -6.95 -23.79
C LEU A 296 26.93 -7.94 -24.72
N THR A 297 25.77 -8.46 -24.30
CA THR A 297 24.92 -9.19 -25.22
C THR A 297 24.45 -8.27 -26.33
N GLU A 298 23.91 -8.86 -27.42
CA GLU A 298 23.58 -8.02 -28.56
C GLU A 298 22.25 -7.31 -28.39
N GLU A 299 21.31 -7.93 -27.67
CA GLU A 299 20.12 -7.18 -27.27
C GLU A 299 20.52 -5.96 -26.44
N ALA A 300 21.56 -6.11 -25.61
CA ALA A 300 22.08 -4.98 -24.86
C ALA A 300 22.83 -4.02 -25.76
N GLU A 301 23.58 -4.55 -26.72
CA GLU A 301 24.27 -3.69 -27.66
C GLU A 301 23.27 -2.90 -28.49
N LEU A 302 22.12 -3.53 -28.80
CA LEU A 302 21.07 -2.88 -29.57
C LEU A 302 20.36 -1.80 -28.76
N GLU A 303 19.85 -2.15 -27.58
CA GLU A 303 19.04 -1.17 -26.85
C GLU A 303 19.89 -0.07 -26.24
N LEU A 304 21.19 -0.31 -26.07
CA LEU A 304 22.11 0.78 -25.76
C LEU A 304 22.09 1.81 -26.87
N ALA A 305 22.11 1.34 -28.13
CA ALA A 305 22.10 2.25 -29.28
C ALA A 305 20.80 3.05 -29.35
N GLU A 306 19.67 2.36 -29.21
CA GLU A 306 18.38 3.06 -29.27
C GLU A 306 18.29 4.14 -28.21
N ASN A 307 18.92 3.93 -27.05
CA ASN A 307 18.91 4.94 -26.00
C ASN A 307 19.80 6.13 -26.37
N ARG A 308 20.89 5.87 -27.10
CA ARG A 308 21.81 6.93 -27.50
C ARG A 308 21.12 7.93 -28.42
N GLU A 309 20.29 7.42 -29.35
CA GLU A 309 19.54 8.28 -30.25
C GLU A 309 18.50 9.09 -29.50
N ILE A 310 17.91 8.51 -28.47
CA ILE A 310 16.89 9.23 -27.70
C ILE A 310 17.50 10.42 -27.00
N LEU A 311 18.71 10.25 -26.46
CA LEU A 311 19.38 11.33 -25.72
C LEU A 311 20.06 12.35 -26.61
N LYS A 312 20.00 12.21 -27.93
CA LYS A 312 20.54 13.24 -28.81
C LYS A 312 19.54 14.35 -29.05
N GLU A 313 18.25 14.00 -29.15
CA GLU A 313 17.18 14.99 -29.21
C GLU A 313 17.29 15.96 -28.05
N PRO A 314 16.85 17.20 -28.21
CA PRO A 314 16.59 18.05 -27.05
C PRO A 314 15.21 17.74 -26.49
N VAL A 315 15.05 17.97 -25.19
CA VAL A 315 13.77 17.79 -24.51
C VAL A 315 13.59 18.79 -23.39
N HIS A 316 12.33 19.00 -23.02
CA HIS A 316 11.95 19.91 -21.95
C HIS A 316 10.56 19.52 -21.48
N GLY A 317 10.25 19.86 -20.24
CA GLY A 317 8.92 19.64 -19.70
C GLY A 317 8.28 20.98 -19.37
N VAL A 318 6.96 21.03 -19.46
CA VAL A 318 6.21 22.19 -19.07
C VAL A 318 5.82 22.05 -17.60
N TYR A 319 5.16 23.07 -17.05
CA TYR A 319 4.66 22.98 -15.68
C TYR A 319 3.18 22.59 -15.67
N TYR A 320 2.57 22.61 -14.49
CA TYR A 320 1.22 22.07 -14.33
C TYR A 320 0.21 23.22 -14.40
N ASP A 321 -0.85 23.00 -15.16
CA ASP A 321 -1.89 23.99 -15.36
C ASP A 321 -3.11 23.49 -14.61
N PRO A 322 -3.36 23.95 -13.41
CA PRO A 322 -4.41 23.30 -12.60
C PRO A 322 -5.77 23.30 -13.25
N SER A 323 -5.95 24.00 -14.37
CA SER A 323 -7.25 24.17 -14.99
C SER A 323 -7.44 23.26 -16.21
N LYS A 324 -6.56 22.30 -16.44
CA LYS A 324 -6.72 21.38 -17.55
C LYS A 324 -6.57 19.94 -17.06
N ASP A 325 -7.16 19.02 -17.82
CA ASP A 325 -7.08 17.61 -17.48
C ASP A 325 -5.66 17.08 -17.67
N LEU A 326 -5.30 16.12 -16.81
CA LEU A 326 -4.06 15.35 -16.89
C LEU A 326 -4.27 14.16 -17.79
N ILE A 327 -3.30 13.87 -18.65
CA ILE A 327 -3.46 12.76 -19.58
C ILE A 327 -2.18 11.93 -19.53
N ALA A 328 -2.33 10.62 -19.42
CA ALA A 328 -1.19 9.72 -19.39
C ALA A 328 -1.40 8.70 -20.50
N GLU A 329 -0.37 8.46 -21.27
CA GLU A 329 -0.46 7.53 -22.38
C GLU A 329 0.68 6.52 -22.24
N ILE A 330 0.36 5.23 -22.36
CA ILE A 330 1.31 4.15 -22.10
C ILE A 330 1.46 3.32 -23.37
N GLN A 331 2.70 2.96 -23.69
CA GLN A 331 3.03 2.13 -24.84
C GLN A 331 3.91 0.97 -24.41
N LYS A 332 3.54 -0.25 -24.81
CA LYS A 332 4.41 -1.39 -24.58
C LYS A 332 5.69 -1.21 -25.39
N GLN A 333 6.81 -0.97 -24.73
CA GLN A 333 8.08 -0.73 -25.40
C GLN A 333 8.92 -1.99 -25.61
N GLY A 334 8.41 -3.17 -25.27
CA GLY A 334 9.20 -4.34 -25.58
C GLY A 334 8.98 -5.47 -24.57
N GLN A 335 10.05 -6.24 -24.37
CA GLN A 335 10.03 -7.44 -23.54
C GLN A 335 9.78 -7.09 -22.07
N GLY A 336 8.51 -7.15 -21.67
CA GLY A 336 8.12 -6.82 -20.30
C GLY A 336 8.26 -5.37 -19.90
N GLN A 337 8.77 -4.51 -20.78
CA GLN A 337 8.97 -3.10 -20.49
C GLN A 337 7.77 -2.29 -20.94
N TRP A 338 7.50 -1.19 -20.25
CA TRP A 338 6.46 -0.26 -20.65
C TRP A 338 7.00 1.16 -20.55
N THR A 339 6.29 2.11 -21.17
CA THR A 339 6.74 3.50 -21.20
C THR A 339 5.54 4.43 -21.32
N TYR A 340 5.69 5.63 -20.77
CA TYR A 340 4.52 6.47 -20.68
C TYR A 340 4.93 7.92 -20.73
N GLN A 341 3.92 8.78 -20.96
CA GLN A 341 4.09 10.22 -21.05
C GLN A 341 2.86 10.87 -20.42
N ILE A 342 3.08 11.96 -19.68
CA ILE A 342 1.98 12.66 -19.04
C ILE A 342 2.03 14.12 -19.46
N TYR A 343 0.92 14.58 -20.04
CA TYR A 343 0.81 15.91 -20.63
C TYR A 343 -0.57 16.46 -20.37
N GLN A 344 -0.70 17.76 -20.57
CA GLN A 344 -2.01 18.39 -20.61
C GLN A 344 -2.38 18.87 -22.00
N GLU A 345 -1.39 19.01 -22.88
CA GLU A 345 -1.55 19.47 -24.23
C GLU A 345 -0.84 18.53 -25.18
N PRO A 346 -1.42 18.26 -26.35
CA PRO A 346 -1.06 17.05 -27.11
C PRO A 346 0.41 16.84 -27.38
N PHE A 347 1.25 17.86 -27.49
CA PHE A 347 2.63 17.55 -27.74
C PHE A 347 3.58 18.07 -26.67
N LYS A 348 3.05 18.52 -25.54
CA LYS A 348 3.80 19.18 -24.49
C LYS A 348 3.77 18.33 -23.21
N ASN A 349 4.68 17.36 -23.05
CA ASN A 349 4.55 16.47 -21.89
C ASN A 349 5.22 17.12 -20.67
N LEU A 350 4.47 17.07 -19.55
CA LEU A 350 4.95 17.37 -18.21
C LEU A 350 6.10 16.47 -17.75
N LYS A 351 5.96 15.15 -17.91
CA LYS A 351 7.10 14.25 -17.69
C LYS A 351 6.79 12.94 -18.41
N THR A 352 7.82 12.09 -18.46
CA THR A 352 7.66 10.72 -18.95
C THR A 352 8.16 9.71 -17.92
N GLY A 353 8.16 8.43 -18.29
CA GLY A 353 8.64 7.41 -17.39
C GLY A 353 8.55 6.01 -17.96
N LYS A 354 8.98 5.04 -17.15
CA LYS A 354 9.06 3.64 -17.55
C LYS A 354 8.51 2.75 -16.42
N TYR A 355 8.46 1.45 -16.69
CA TYR A 355 7.95 0.47 -15.74
C TYR A 355 8.68 -0.86 -15.98
N ALA A 356 9.22 -1.46 -14.92
CA ALA A 356 9.97 -2.72 -14.96
C ALA A 356 9.13 -3.96 -14.63
N ARG A 357 8.32 -3.90 -13.56
CA ARG A 357 7.29 -4.90 -13.27
C ARG A 357 7.98 -6.26 -13.09
N MET A 358 7.43 -7.34 -13.62
CA MET A 358 7.98 -8.70 -13.42
C MET A 358 8.19 -9.01 -11.93
N ARG A 359 7.11 -8.80 -11.16
CA ARG A 359 7.10 -9.27 -9.78
C ARG A 359 7.01 -10.80 -9.72
N GLY A 360 6.12 -11.40 -10.51
CA GLY A 360 5.96 -12.83 -10.55
C GLY A 360 6.65 -13.46 -11.74
N ALA A 361 6.92 -14.75 -11.62
CA ALA A 361 7.49 -15.49 -12.76
C ALA A 361 6.53 -15.51 -13.94
N HIS A 362 5.26 -15.82 -13.71
CA HIS A 362 4.28 -16.03 -14.78
C HIS A 362 3.36 -14.83 -14.91
N THR A 363 3.78 -13.85 -15.73
CA THR A 363 3.02 -12.59 -15.81
C THR A 363 2.30 -12.50 -17.13
N ASN A 364 1.11 -11.90 -17.08
CA ASN A 364 0.28 -11.65 -18.25
C ASN A 364 0.34 -10.15 -18.56
N ASP A 365 0.55 -9.80 -19.82
CA ASP A 365 0.61 -8.40 -20.25
C ASP A 365 -0.56 -7.57 -19.72
N VAL A 366 -1.78 -7.99 -20.01
CA VAL A 366 -2.97 -7.29 -19.54
C VAL A 366 -2.87 -6.85 -18.10
N LYS A 367 -2.43 -7.75 -17.22
CA LYS A 367 -2.23 -7.44 -15.81
C LYS A 367 -1.09 -6.47 -15.63
N GLN A 368 0.06 -6.81 -16.24
CA GLN A 368 1.24 -5.95 -16.20
C GLN A 368 0.95 -4.52 -16.62
N LEU A 369 0.11 -4.33 -17.64
CA LEU A 369 -0.35 -2.98 -17.95
C LEU A 369 -1.07 -2.41 -16.74
N THR A 370 -2.04 -3.14 -16.19
CA THR A 370 -2.76 -2.61 -15.04
C THR A 370 -1.80 -2.19 -13.93
N GLU A 371 -0.69 -2.92 -13.76
CA GLU A 371 0.29 -2.49 -12.78
C GLU A 371 0.93 -1.17 -13.17
N ALA A 372 1.33 -1.01 -14.43
CA ALA A 372 1.89 0.27 -14.86
C ALA A 372 0.90 1.39 -14.58
N VAL A 373 -0.38 1.11 -14.77
CA VAL A 373 -1.40 2.12 -14.50
C VAL A 373 -1.45 2.47 -13.01
N GLN A 374 -1.25 1.48 -12.12
CA GLN A 374 -1.36 1.74 -10.69
CA GLN A 374 -1.38 1.79 -10.70
C GLN A 374 -0.16 2.51 -10.17
N LYS A 375 1.01 2.29 -10.76
CA LYS A 375 2.18 3.08 -10.38
C LYS A 375 1.98 4.54 -10.76
N ILE A 376 1.47 4.77 -11.97
CA ILE A 376 1.31 6.13 -12.49
C ILE A 376 0.21 6.85 -11.76
N THR A 377 -0.84 6.14 -11.38
CA THR A 377 -1.90 6.75 -10.59
C THR A 377 -1.35 7.26 -9.25
N THR A 378 -0.42 6.52 -8.65
CA THR A 378 0.06 6.91 -7.33
C THR A 378 1.00 8.09 -7.44
N GLU A 379 1.95 8.01 -8.38
CA GLU A 379 2.90 9.11 -8.62
C GLU A 379 2.15 10.39 -8.97
N SER A 380 1.08 10.28 -9.73
CA SER A 380 0.34 11.47 -10.09
C SER A 380 -0.33 12.13 -8.87
N ILE A 381 -0.76 11.35 -7.87
CA ILE A 381 -1.33 11.99 -6.68
C ILE A 381 -0.23 12.73 -5.92
N VAL A 382 0.99 12.21 -5.95
CA VAL A 382 2.09 12.87 -5.26
C VAL A 382 2.36 14.21 -5.91
N ILE A 383 2.47 14.22 -7.23
CA ILE A 383 2.99 15.40 -7.90
C ILE A 383 1.90 16.44 -8.12
N TRP A 384 0.68 16.02 -8.41
CA TRP A 384 -0.35 16.94 -8.85
C TRP A 384 -1.60 16.94 -8.00
N GLY A 385 -1.75 16.00 -7.06
CA GLY A 385 -2.87 16.03 -6.15
C GLY A 385 -4.17 15.50 -6.74
N LYS A 386 -4.10 14.87 -7.90
CA LYS A 386 -5.23 14.31 -8.61
C LYS A 386 -4.71 13.23 -9.55
N THR A 387 -5.63 12.46 -10.07
CA THR A 387 -5.34 11.31 -10.92
C THR A 387 -5.48 11.72 -12.37
N PRO A 388 -4.75 11.06 -13.26
CA PRO A 388 -4.86 11.38 -14.68
C PRO A 388 -5.97 10.60 -15.36
N LYS A 389 -6.12 10.91 -16.65
CA LYS A 389 -6.93 10.13 -17.57
C LYS A 389 -5.97 9.31 -18.43
N PHE A 390 -6.39 8.15 -18.85
CA PHE A 390 -5.42 7.26 -19.46
C PHE A 390 -5.75 7.03 -20.92
N LYS A 391 -4.69 6.79 -21.69
CA LYS A 391 -4.75 6.31 -23.05
C LYS A 391 -4.03 4.96 -23.07
N LEU A 392 -4.76 3.87 -23.33
CA LEU A 392 -4.12 2.58 -23.14
C LEU A 392 -4.18 1.73 -24.40
N PRO A 393 -3.01 1.04 -24.80
CA PRO A 393 -3.02 0.19 -26.00
C PRO A 393 -3.74 -1.13 -25.76
N ILE A 394 -4.98 -1.05 -25.31
CA ILE A 394 -5.75 -2.25 -24.99
C ILE A 394 -7.21 -1.96 -25.28
N GLN A 395 -7.85 -2.88 -25.99
CA GLN A 395 -9.25 -2.68 -26.35
C GLN A 395 -10.12 -2.74 -25.12
N LYS A 396 -11.27 -2.07 -25.21
CA LYS A 396 -12.14 -1.94 -24.05
C LYS A 396 -12.78 -3.27 -23.66
N GLU A 397 -12.96 -4.18 -24.59
CA GLU A 397 -13.52 -5.43 -24.10
C GLU A 397 -12.49 -6.54 -23.99
N THR A 398 -11.30 -6.37 -24.59
CA THR A 398 -10.19 -7.22 -24.18
C THR A 398 -9.86 -7.01 -22.69
N TRP A 399 -9.98 -5.77 -22.21
CA TRP A 399 -9.89 -5.50 -20.78
C TRP A 399 -11.04 -6.17 -20.03
N GLU A 400 -12.27 -5.97 -20.51
CA GLU A 400 -13.42 -6.34 -19.70
C GLU A 400 -13.53 -7.85 -19.50
N THR A 401 -13.27 -8.64 -20.55
CA THR A 401 -13.37 -10.09 -20.37
C THR A 401 -12.30 -10.60 -19.42
N TRP A 402 -11.10 -10.03 -19.46
CA TRP A 402 -10.05 -10.49 -18.55
C TRP A 402 -10.42 -10.23 -17.10
N TRP A 403 -10.84 -9.02 -16.79
CA TRP A 403 -10.99 -8.70 -15.38
C TRP A 403 -12.24 -9.31 -14.78
N THR A 404 -13.31 -9.53 -15.56
CA THR A 404 -14.47 -10.19 -14.95
C THR A 404 -14.24 -11.69 -14.75
N GLU A 405 -13.25 -12.28 -15.41
CA GLU A 405 -12.90 -13.66 -15.18
C GLU A 405 -11.68 -13.85 -14.27
N TYR A 406 -11.16 -12.76 -13.68
CA TYR A 406 -10.02 -12.81 -12.78
C TYR A 406 -10.47 -12.72 -11.32
N TRP A 407 -9.75 -13.41 -10.44
CA TRP A 407 -10.08 -13.50 -9.02
C TRP A 407 -9.78 -12.23 -8.25
N GLN A 408 -8.77 -11.48 -8.68
CA GLN A 408 -8.33 -10.22 -8.08
C GLN A 408 -9.23 -9.08 -8.52
N ALA A 409 -9.63 -8.23 -7.59
CA ALA A 409 -10.32 -7.00 -7.94
C ALA A 409 -9.33 -5.90 -8.30
N THR A 410 -9.77 -4.97 -9.15
CA THR A 410 -8.99 -3.78 -9.50
C THR A 410 -9.95 -2.66 -9.87
N TRP A 411 -9.37 -1.48 -10.18
CA TRP A 411 -10.19 -0.36 -10.65
C TRP A 411 -9.33 0.74 -11.26
N VAL A 412 -9.56 1.01 -12.54
CA VAL A 412 -9.00 2.18 -13.24
C VAL A 412 -10.13 3.11 -13.66
N PRO A 413 -10.36 4.21 -12.95
CA PRO A 413 -11.60 4.98 -13.15
C PRO A 413 -11.81 5.61 -14.53
N GLU A 414 -10.79 6.00 -15.27
CA GLU A 414 -11.12 6.64 -16.55
C GLU A 414 -9.99 6.44 -17.55
N TRP A 415 -10.24 5.61 -18.55
CA TRP A 415 -9.29 5.43 -19.62
C TRP A 415 -10.05 5.27 -20.92
N GLU A 416 -9.34 5.39 -22.05
CA GLU A 416 -9.93 5.16 -23.36
C GLU A 416 -8.92 4.47 -24.26
N PHE A 417 -9.44 3.78 -25.28
CA PHE A 417 -8.55 3.05 -26.17
C PHE A 417 -7.73 4.03 -26.99
N VAL A 418 -6.49 3.69 -27.28
CA VAL A 418 -5.66 4.46 -28.20
C VAL A 418 -4.93 3.48 -29.09
N ASN A 419 -4.98 3.68 -30.40
CA ASN A 419 -4.64 2.59 -31.29
C ASN A 419 -3.16 2.59 -31.65
N THR A 420 -2.27 2.61 -30.68
CA THR A 420 -0.87 2.72 -31.05
C THR A 420 -0.20 1.38 -30.82
N PRO A 421 -0.11 0.50 -31.82
CA PRO A 421 0.61 -0.77 -31.70
C PRO A 421 2.01 -0.68 -31.08
N PRO A 422 2.52 -1.81 -30.52
CA PRO A 422 1.82 -3.08 -30.31
C PRO A 422 0.65 -2.98 -29.32
N LEU A 423 -0.54 -3.41 -29.74
CA LEU A 423 -1.65 -3.54 -28.82
C LEU A 423 -1.42 -4.71 -27.88
N VAL A 424 -2.15 -4.70 -26.77
CA VAL A 424 -2.10 -5.78 -25.78
C VAL A 424 -3.39 -6.58 -25.87
N LYS A 425 -3.26 -7.88 -26.11
CA LYS A 425 -4.41 -8.73 -26.29
C LYS A 425 -4.15 -10.09 -25.65
N LEU A 426 -5.24 -10.71 -25.18
CA LEU A 426 -5.16 -12.07 -24.67
C LEU A 426 -4.87 -13.04 -25.80
N TRP A 427 -3.72 -13.72 -25.73
CA TRP A 427 -3.26 -14.60 -26.80
C TRP A 427 -4.22 -15.76 -27.06
N TYR A 428 -4.82 -16.36 -26.01
CA TYR A 428 -5.78 -17.47 -26.16
C TYR A 428 -6.81 -17.41 -25.04
N GLN A 429 -7.91 -18.13 -25.24
CA GLN A 429 -8.85 -18.28 -24.14
C GLN A 429 -9.33 -19.72 -24.14
N LEU A 430 -9.33 -20.34 -22.95
CA LEU A 430 -9.66 -21.75 -22.79
C LEU A 430 -11.17 -21.93 -22.68
N GLU A 431 -11.61 -23.12 -23.06
CA GLU A 431 -13.04 -23.40 -23.19
C GLU A 431 -13.68 -23.53 -21.82
N LYS A 432 -14.96 -23.17 -21.74
CA LYS A 432 -15.74 -23.34 -20.52
C LYS A 432 -16.55 -24.62 -20.49
N GLU A 433 -16.55 -25.40 -21.57
CA GLU A 433 -17.29 -26.65 -21.63
C GLU A 433 -16.51 -27.65 -22.46
N PRO A 434 -16.72 -28.96 -22.26
CA PRO A 434 -15.92 -29.93 -22.99
C PRO A 434 -16.27 -29.94 -24.48
N ILE A 435 -15.23 -30.04 -25.30
CA ILE A 435 -15.37 -30.03 -26.75
C ILE A 435 -15.84 -31.39 -27.24
N VAL A 436 -17.07 -31.46 -27.76
CA VAL A 436 -17.57 -32.73 -28.28
C VAL A 436 -16.75 -33.14 -29.49
N GLY A 437 -16.44 -34.41 -29.58
CA GLY A 437 -15.68 -34.89 -30.70
C GLY A 437 -14.20 -34.58 -30.64
N ALA A 438 -13.73 -33.98 -29.57
CA ALA A 438 -12.30 -33.80 -29.42
C ALA A 438 -11.79 -34.95 -28.59
N GLU A 439 -10.64 -35.48 -28.99
CA GLU A 439 -10.07 -36.60 -28.24
C GLU A 439 -9.84 -36.19 -26.78
N THR A 440 -10.31 -37.01 -25.83
CA THR A 440 -10.10 -36.76 -24.41
C THR A 440 -8.75 -37.33 -23.99
N PHE A 441 -7.86 -36.48 -23.52
CA PHE A 441 -6.56 -36.91 -23.05
C PHE A 441 -6.55 -36.84 -21.54
N TYR A 442 -6.01 -37.86 -20.88
CA TYR A 442 -5.76 -37.80 -19.44
C TYR A 442 -4.25 -37.68 -19.26
N VAL A 443 -3.81 -36.63 -18.57
CA VAL A 443 -2.39 -36.34 -18.47
C VAL A 443 -1.97 -36.40 -17.01
N ASP A 444 -0.70 -36.72 -16.78
CA ASP A 444 -0.17 -36.77 -15.44
C ASP A 444 1.33 -36.93 -15.57
N GLY A 445 2.02 -36.74 -14.46
CA GLY A 445 3.44 -36.95 -14.42
C GLY A 445 3.83 -37.36 -13.02
N ALA A 446 5.12 -37.54 -12.84
CA ALA A 446 5.63 -38.02 -11.57
C ALA A 446 7.14 -37.90 -11.57
N ALA A 447 7.71 -37.57 -10.42
CA ALA A 447 9.16 -37.52 -10.40
C ALA A 447 9.70 -37.81 -9.02
N SER A 448 11.01 -38.07 -8.99
CA SER A 448 11.66 -38.67 -7.83
C SER A 448 11.87 -37.64 -6.73
N ARG A 449 11.76 -38.07 -5.48
CA ARG A 449 12.01 -37.16 -4.38
C ARG A 449 13.50 -36.93 -4.15
N GLU A 450 14.35 -37.87 -4.57
CA GLU A 450 15.78 -37.71 -4.36
C GLU A 450 16.60 -37.71 -5.65
N THR A 451 16.24 -38.54 -6.61
CA THR A 451 17.06 -38.67 -7.80
C THR A 451 16.65 -37.74 -8.94
N LYS A 452 15.51 -37.03 -8.82
CA LYS A 452 15.07 -36.07 -9.86
C LYS A 452 14.85 -36.73 -11.23
N LEU A 453 14.56 -38.02 -11.26
CA LEU A 453 14.11 -38.68 -12.48
C LEU A 453 12.59 -38.70 -12.48
N GLY A 454 12.01 -38.43 -13.66
CA GLY A 454 10.57 -38.28 -13.78
C GLY A 454 10.09 -38.71 -15.14
N LYS A 455 8.77 -38.90 -15.22
CA LYS A 455 8.10 -39.29 -16.45
C LYS A 455 6.76 -38.59 -16.51
N ALA A 456 6.29 -38.36 -17.72
CA ALA A 456 5.01 -37.72 -17.96
C ALA A 456 4.45 -38.28 -19.25
N GLY A 457 3.14 -38.53 -19.29
CA GLY A 457 2.54 -39.06 -20.49
C GLY A 457 1.03 -38.93 -20.44
N TYR A 458 0.36 -39.51 -21.44
CA TYR A 458 -1.08 -39.41 -21.55
C TYR A 458 -1.67 -40.69 -22.13
N VAL A 459 -2.96 -40.90 -21.88
CA VAL A 459 -3.77 -41.87 -22.61
C VAL A 459 -5.03 -41.15 -23.07
N THR A 460 -5.67 -41.65 -24.11
CA THR A 460 -6.87 -41.02 -24.63
C THR A 460 -8.01 -42.02 -24.71
N ASN A 461 -9.25 -41.50 -24.72
CA ASN A 461 -10.42 -42.36 -24.88
C ASN A 461 -10.49 -43.00 -26.27
N LYS A 462 -9.62 -42.60 -27.19
CA LYS A 462 -9.54 -43.24 -28.50
C LYS A 462 -8.49 -44.35 -28.53
N GLY A 463 -7.75 -44.56 -27.44
CA GLY A 463 -6.82 -45.66 -27.35
C GLY A 463 -5.36 -45.31 -27.50
N ARG A 464 -5.04 -44.08 -27.90
CA ARG A 464 -3.65 -43.67 -28.02
C ARG A 464 -3.03 -43.47 -26.63
N GLN A 465 -1.70 -43.62 -26.54
CA GLN A 465 -0.97 -43.40 -25.30
C GLN A 465 0.54 -43.29 -25.55
N LYS A 466 1.24 -42.58 -24.68
CA LYS A 466 2.67 -42.29 -24.87
C LYS A 466 3.29 -41.85 -23.56
N VAL A 467 4.50 -42.32 -23.30
CA VAL A 467 5.26 -41.90 -22.14
C VAL A 467 6.64 -41.45 -22.60
N VAL A 468 7.20 -40.48 -21.88
CA VAL A 468 8.55 -39.99 -22.11
C VAL A 468 9.28 -40.01 -20.78
N THR A 469 10.61 -40.05 -20.83
CA THR A 469 11.44 -40.00 -19.64
C THR A 469 12.14 -38.65 -19.56
N LEU A 470 12.24 -38.11 -18.35
CA LEU A 470 12.89 -36.82 -18.11
C LEU A 470 13.88 -36.95 -16.97
N THR A 471 14.89 -36.08 -17.00
CA THR A 471 15.98 -36.13 -16.03
C THR A 471 16.16 -34.78 -15.37
N ASP A 472 16.64 -34.82 -14.12
CA ASP A 472 16.92 -33.63 -13.32
C ASP A 472 15.75 -32.66 -13.32
N THR A 473 14.60 -33.16 -12.89
CA THR A 473 13.36 -32.42 -12.96
C THR A 473 12.63 -32.60 -11.63
N THR A 474 11.39 -32.11 -11.57
CA THR A 474 10.55 -32.28 -10.40
C THR A 474 9.12 -32.64 -10.83
N ASN A 475 8.33 -33.12 -9.85
CA ASN A 475 6.95 -33.55 -10.08
C ASN A 475 6.16 -32.47 -10.83
N GLN A 476 6.21 -31.24 -10.34
CA GLN A 476 5.46 -30.17 -11.00
C GLN A 476 5.98 -29.90 -12.42
N LYS A 477 7.30 -29.78 -12.61
CA LYS A 477 7.80 -29.56 -13.96
C LYS A 477 7.35 -30.67 -14.90
N THR A 478 7.39 -31.92 -14.44
CA THR A 478 6.92 -33.02 -15.26
C THR A 478 5.44 -32.89 -15.59
N GLU A 479 4.63 -32.40 -14.62
CA GLU A 479 3.18 -32.27 -14.83
C GLU A 479 2.84 -31.27 -15.91
N LEU A 480 3.69 -30.26 -16.10
CA LEU A 480 3.50 -29.35 -17.21
C LEU A 480 3.93 -30.01 -18.51
N GLN A 481 5.01 -30.80 -18.47
CA GLN A 481 5.45 -31.52 -19.66
C GLN A 481 4.33 -32.39 -20.22
N ALA A 482 3.54 -33.00 -19.34
CA ALA A 482 2.47 -33.89 -19.76
C ALA A 482 1.42 -33.13 -20.58
N ILE A 483 1.03 -31.94 -20.12
CA ILE A 483 0.09 -31.09 -20.87
C ILE A 483 0.74 -30.58 -22.15
N HIS A 484 2.07 -30.42 -22.13
CA HIS A 484 2.84 -30.14 -23.34
C HIS A 484 2.73 -31.28 -24.35
N LEU A 485 2.81 -32.53 -23.88
CA LEU A 485 2.63 -33.69 -24.75
C LEU A 485 1.27 -33.68 -25.42
N ALA A 486 0.20 -33.66 -24.62
CA ALA A 486 -1.15 -33.76 -25.16
C ALA A 486 -1.44 -32.66 -26.18
N LEU A 487 -0.96 -31.45 -25.94
CA LEU A 487 -1.22 -30.38 -26.91
C LEU A 487 -0.41 -30.58 -28.18
N GLN A 488 0.84 -31.05 -28.03
CA GLN A 488 1.70 -31.25 -29.18
C GLN A 488 1.13 -32.32 -30.11
N ASP A 489 0.59 -33.40 -29.55
CA ASP A 489 0.18 -34.58 -30.31
C ASP A 489 -1.32 -34.70 -30.48
N SER A 490 -2.09 -33.63 -30.23
CA SER A 490 -3.51 -33.66 -30.50
C SER A 490 -3.83 -32.74 -31.66
N GLY A 491 -5.08 -32.84 -32.10
CA GLY A 491 -5.55 -31.97 -33.16
C GLY A 491 -5.90 -30.60 -32.62
N LEU A 492 -6.57 -29.84 -33.48
CA LEU A 492 -6.87 -28.45 -33.21
C LEU A 492 -8.00 -28.28 -32.21
N GLU A 493 -8.68 -29.36 -31.85
CA GLU A 493 -9.62 -29.38 -30.75
C GLU A 493 -9.24 -30.55 -29.84
N VAL A 494 -9.25 -30.33 -28.52
CA VAL A 494 -8.64 -31.26 -27.58
C VAL A 494 -9.21 -30.96 -26.21
N ASN A 495 -9.47 -32.03 -25.45
CA ASN A 495 -9.72 -31.96 -24.02
C ASN A 495 -8.56 -32.60 -23.28
N ILE A 496 -8.09 -31.93 -22.22
CA ILE A 496 -6.99 -32.40 -21.38
C ILE A 496 -7.45 -32.39 -19.92
N VAL A 497 -7.02 -33.39 -19.14
CA VAL A 497 -7.47 -33.62 -17.77
C VAL A 497 -6.25 -33.90 -16.92
N THR A 498 -5.96 -33.01 -15.97
CA THR A 498 -4.77 -33.11 -15.14
C THR A 498 -5.13 -33.11 -13.67
N ASP A 499 -4.18 -33.59 -12.87
CA ASP A 499 -4.38 -33.67 -11.43
C ASP A 499 -3.59 -32.60 -10.68
N SER A 500 -2.83 -31.76 -11.39
CA SER A 500 -1.97 -30.78 -10.73
C SER A 500 -2.66 -29.44 -10.78
N GLN A 501 -3.19 -28.99 -9.64
CA GLN A 501 -3.71 -27.63 -9.55
C GLN A 501 -2.63 -26.62 -9.79
N TYR A 502 -1.41 -26.91 -9.34
CA TYR A 502 -0.28 -26.10 -9.72
C TYR A 502 -0.26 -25.88 -11.24
N ALA A 503 -0.25 -26.97 -12.01
CA ALA A 503 -0.17 -26.81 -13.46
C ALA A 503 -1.44 -26.19 -14.03
N LEU A 504 -2.61 -26.42 -13.42
CA LEU A 504 -3.83 -25.84 -13.97
C LEU A 504 -3.85 -24.33 -13.78
N GLY A 505 -3.27 -23.86 -12.67
CA GLY A 505 -3.26 -22.43 -12.39
C GLY A 505 -2.35 -21.65 -13.32
N ILE A 506 -1.11 -22.09 -13.47
CA ILE A 506 -0.19 -21.41 -14.39
C ILE A 506 -0.80 -21.29 -15.80
N ILE A 507 -1.55 -22.28 -16.26
CA ILE A 507 -2.12 -22.16 -17.60
C ILE A 507 -3.35 -21.25 -17.60
N GLN A 508 -4.18 -21.32 -16.57
CA GLN A 508 -5.31 -20.40 -16.62
C GLN A 508 -4.95 -19.00 -16.26
N ALA A 509 -3.68 -18.70 -16.06
CA ALA A 509 -3.23 -17.31 -15.90
C ALA A 509 -2.99 -16.61 -17.23
N GLN A 510 -2.93 -17.37 -18.31
CA GLN A 510 -2.54 -16.87 -19.62
C GLN A 510 -1.24 -16.05 -19.55
N PRO A 511 -0.14 -16.62 -18.97
CA PRO A 511 1.12 -15.85 -18.97
C PRO A 511 1.86 -15.71 -20.29
N ASP A 512 1.78 -14.56 -20.95
CA ASP A 512 2.59 -14.37 -22.14
C ASP A 512 4.09 -14.52 -21.85
N GLN A 513 4.57 -13.95 -20.75
CA GLN A 513 5.99 -13.98 -20.40
C GLN A 513 6.18 -14.80 -19.15
N SER A 514 7.14 -15.72 -19.16
CA SER A 514 7.43 -16.52 -17.99
C SER A 514 8.92 -16.73 -17.86
N GLU A 515 9.37 -16.89 -16.62
CA GLU A 515 10.77 -17.20 -16.39
C GLU A 515 11.18 -18.52 -17.05
N SER A 516 10.32 -19.54 -16.97
CA SER A 516 10.69 -20.84 -17.51
C SER A 516 10.49 -20.88 -19.02
N GLU A 517 11.49 -21.43 -19.72
CA GLU A 517 11.42 -21.60 -21.16
C GLU A 517 10.26 -22.52 -21.55
N LEU A 518 10.05 -23.56 -20.73
CA LEU A 518 9.05 -24.58 -21.04
C LEU A 518 7.64 -24.01 -21.00
N VAL A 519 7.35 -23.15 -20.01
CA VAL A 519 6.01 -22.57 -19.90
C VAL A 519 5.66 -21.82 -21.18
N ASN A 520 6.61 -21.06 -21.71
CA ASN A 520 6.35 -20.26 -22.90
C ASN A 520 5.91 -21.15 -24.06
N GLN A 521 6.53 -22.32 -24.22
CA GLN A 521 6.27 -23.15 -25.40
C GLN A 521 4.82 -23.61 -25.46
N ILE A 522 4.27 -23.99 -24.30
CA ILE A 522 2.85 -24.35 -24.19
C ILE A 522 1.98 -23.20 -24.69
N ILE A 523 2.29 -21.99 -24.25
CA ILE A 523 1.51 -20.82 -24.64
C ILE A 523 1.42 -20.71 -26.14
N GLU A 524 2.55 -20.94 -26.84
CA GLU A 524 2.49 -20.90 -28.30
C GLU A 524 1.66 -22.04 -28.84
N GLN A 525 1.61 -23.16 -28.13
CA GLN A 525 0.83 -24.31 -28.58
C GLN A 525 -0.65 -24.08 -28.40
N LEU A 526 -1.01 -23.28 -27.39
CA LEU A 526 -2.41 -22.93 -27.16
C LEU A 526 -2.89 -21.90 -28.18
N ILE A 527 -2.00 -21.04 -28.69
CA ILE A 527 -2.36 -20.18 -29.82
C ILE A 527 -2.74 -21.02 -31.02
N LYS A 528 -1.86 -21.97 -31.37
CA LYS A 528 -2.03 -22.83 -32.54
C LYS A 528 -3.33 -23.65 -32.45
N LYS A 529 -3.56 -24.42 -31.38
CA LYS A 529 -4.88 -25.03 -31.19
C LYS A 529 -5.94 -23.92 -31.23
N GLU A 530 -7.13 -24.24 -31.70
CA GLU A 530 -8.17 -23.22 -31.56
C GLU A 530 -9.38 -23.66 -30.74
N LYS A 531 -9.31 -24.81 -30.07
CA LYS A 531 -10.18 -25.13 -28.95
C LYS A 531 -9.40 -25.93 -27.91
N VAL A 532 -9.35 -25.48 -26.65
CA VAL A 532 -8.72 -26.26 -25.58
C VAL A 532 -9.59 -26.14 -24.34
N TYR A 533 -9.97 -27.30 -23.78
CA TYR A 533 -10.70 -27.41 -22.52
C TYR A 533 -9.85 -28.16 -21.50
N LEU A 534 -9.43 -27.47 -20.45
CA LEU A 534 -8.54 -28.04 -19.46
C LEU A 534 -9.31 -28.17 -18.17
N ALA A 535 -9.19 -29.32 -17.53
CA ALA A 535 -9.95 -29.65 -16.34
C ALA A 535 -9.01 -30.27 -15.32
N TRP A 536 -9.50 -30.36 -14.08
CA TRP A 536 -8.74 -30.90 -12.97
C TRP A 536 -9.51 -31.96 -12.17
N VAL A 537 -8.81 -33.04 -11.83
CA VAL A 537 -9.36 -34.07 -10.94
C VAL A 537 -8.33 -34.42 -9.86
N PRO A 538 -8.79 -34.77 -8.66
CA PRO A 538 -7.86 -34.95 -7.55
C PRO A 538 -7.05 -36.23 -7.67
N ALA A 539 -5.78 -36.14 -7.29
CA ALA A 539 -4.87 -37.28 -7.39
C ALA A 539 -5.26 -38.38 -6.41
N HIS A 540 -4.86 -39.62 -6.75
CA HIS A 540 -4.96 -40.78 -5.84
C HIS A 540 -6.38 -40.98 -5.34
N LYS A 541 -7.35 -40.90 -6.25
CA LYS A 541 -8.76 -41.12 -5.97
C LYS A 541 -9.36 -42.17 -6.87
N GLY A 542 -8.51 -42.87 -7.63
CA GLY A 542 -8.94 -43.90 -8.57
C GLY A 542 -10.00 -43.44 -9.54
N ILE A 543 -9.81 -42.28 -10.15
CA ILE A 543 -10.74 -41.84 -11.18
C ILE A 543 -10.25 -42.40 -12.50
N GLY A 544 -11.14 -43.12 -13.20
CA GLY A 544 -10.79 -43.67 -14.50
C GLY A 544 -10.28 -42.60 -15.45
N GLY A 545 -9.30 -42.99 -16.25
CA GLY A 545 -8.53 -42.09 -17.08
C GLY A 545 -7.34 -41.55 -16.33
N ASN A 546 -7.60 -40.92 -15.19
CA ASN A 546 -6.50 -40.49 -14.34
C ASN A 546 -5.71 -41.69 -13.87
N GLU A 547 -6.38 -42.81 -13.67
CA GLU A 547 -5.73 -43.92 -12.98
C GLU A 547 -4.80 -44.68 -13.92
N GLN A 548 -5.19 -44.83 -15.18
CA GLN A 548 -4.30 -45.44 -16.16
C GLN A 548 -3.00 -44.65 -16.32
N VAL A 549 -3.09 -43.32 -16.53
CA VAL A 549 -1.89 -42.51 -16.72
C VAL A 549 -1.07 -42.40 -15.44
N ASP A 550 -1.71 -42.33 -14.28
CA ASP A 550 -0.96 -42.37 -13.03
C ASP A 550 -0.08 -43.61 -12.98
N LYS A 551 -0.63 -44.74 -13.43
CA LYS A 551 0.12 -45.98 -13.41
C LYS A 551 1.34 -45.87 -14.28
N LEU A 552 1.15 -45.40 -15.51
CA LEU A 552 2.24 -45.44 -16.48
C LEU A 552 3.36 -44.49 -16.08
N VAL A 553 3.00 -43.27 -15.69
CA VAL A 553 4.01 -42.23 -15.47
C VAL A 553 4.67 -42.31 -14.09
N SER A 554 4.11 -43.06 -13.15
CA SER A 554 4.76 -43.33 -11.86
C SER A 554 5.53 -44.63 -11.87
N ALA A 555 5.59 -45.34 -13.01
CA ALA A 555 6.27 -46.62 -13.13
C ALA A 555 7.72 -46.59 -12.64
N GLY A 556 8.59 -45.91 -13.40
CA GLY A 556 10.02 -45.81 -13.16
C GLY A 556 10.49 -45.77 -11.72
N ILE A 557 10.00 -44.79 -10.95
CA ILE A 557 10.41 -44.61 -9.56
C ILE A 557 9.24 -44.70 -8.60
N ARG A 558 8.09 -44.10 -8.94
CA ARG A 558 6.95 -44.00 -8.01
C ARG A 558 7.36 -43.45 -6.64
N GLU B 7 -11.14 16.54 34.57
CA GLU B 7 -9.94 15.84 35.06
C GLU B 7 -9.44 14.80 34.04
N THR B 8 -8.22 14.29 34.21
CA THR B 8 -7.62 13.41 33.21
C THR B 8 -7.21 12.06 33.80
N VAL B 9 -7.43 10.99 33.03
CA VAL B 9 -7.03 9.62 33.35
C VAL B 9 -5.57 9.38 32.98
N PRO B 10 -4.72 8.98 33.94
CA PRO B 10 -3.30 8.73 33.64
C PRO B 10 -3.01 7.49 32.80
N VAL B 11 -2.87 7.64 31.44
CA VAL B 11 -2.66 6.55 30.49
C VAL B 11 -1.15 6.36 30.27
N LYS B 12 -0.75 5.13 29.96
CA LYS B 12 0.64 4.82 29.68
C LYS B 12 0.71 3.64 28.72
N LEU B 13 1.83 3.51 28.03
CA LEU B 13 2.10 2.36 27.17
C LEU B 13 2.89 1.31 27.95
N LYS B 14 2.81 0.07 27.46
CA LYS B 14 3.56 -1.05 28.03
C LYS B 14 5.06 -0.79 27.89
N PRO B 15 5.90 -1.49 28.66
CA PRO B 15 7.34 -1.12 28.68
C PRO B 15 8.05 -1.30 27.35
N GLY B 16 7.82 -2.41 26.64
CA GLY B 16 8.55 -2.69 25.42
C GLY B 16 7.91 -2.10 24.18
N MET B 17 7.26 -0.94 24.32
CA MET B 17 6.47 -0.34 23.25
C MET B 17 6.84 1.13 23.05
N ASP B 18 7.50 1.40 21.92
CA ASP B 18 7.68 2.77 21.43
C ASP B 18 6.32 3.34 21.06
N GLY B 19 6.26 4.61 20.66
CA GLY B 19 5.02 5.17 20.14
C GLY B 19 4.84 4.89 18.65
N PRO B 20 3.68 5.23 18.09
CA PRO B 20 3.45 4.97 16.68
C PRO B 20 4.31 5.86 15.78
N LYS B 21 4.77 5.29 14.67
CA LYS B 21 5.55 6.02 13.70
C LYS B 21 5.17 5.51 12.31
N VAL B 22 3.93 5.71 11.94
CA VAL B 22 3.42 5.23 10.66
C VAL B 22 3.61 6.27 9.55
N LYS B 23 3.86 5.81 8.33
CA LYS B 23 4.04 6.77 7.26
C LYS B 23 2.69 7.12 6.63
N GLN B 24 2.57 8.38 6.23
CA GLN B 24 1.29 8.89 5.76
C GLN B 24 1.13 8.62 4.26
N TRP B 25 0.05 7.92 3.89
CA TRP B 25 -0.18 7.68 2.47
C TRP B 25 -0.52 9.01 1.76
N PRO B 26 -0.03 9.21 0.53
CA PRO B 26 -0.36 10.44 -0.21
C PRO B 26 -1.86 10.67 -0.29
N LEU B 27 -2.26 11.93 -0.23
CA LEU B 27 -3.66 12.36 -0.34
C LEU B 27 -3.84 13.19 -1.59
N THR B 28 -5.10 13.27 -2.06
CA THR B 28 -5.41 14.12 -3.21
C THR B 28 -5.54 15.57 -2.76
N GLU B 29 -5.38 16.48 -3.73
CA GLU B 29 -5.44 17.89 -3.39
C GLU B 29 -6.73 18.22 -2.69
N GLU B 30 -7.84 17.72 -3.23
CA GLU B 30 -9.14 18.01 -2.66
C GLU B 30 -9.23 17.56 -1.21
N LYS B 31 -8.70 16.36 -0.89
CA LYS B 31 -8.81 15.92 0.50
C LYS B 31 -7.88 16.72 1.41
N ILE B 32 -6.77 17.23 0.87
CA ILE B 32 -5.86 18.02 1.71
C ILE B 32 -6.48 19.36 2.04
N LYS B 33 -7.12 19.98 1.07
CA LYS B 33 -7.82 21.23 1.33
C LYS B 33 -8.89 21.03 2.40
N ALA B 34 -9.70 19.98 2.26
CA ALA B 34 -10.70 19.69 3.28
C ALA B 34 -10.09 19.45 4.65
N LEU B 35 -8.94 18.76 4.71
CA LEU B 35 -8.39 18.42 6.01
C LEU B 35 -7.76 19.61 6.69
N VAL B 36 -7.24 20.55 5.89
CA VAL B 36 -6.65 21.78 6.43
C VAL B 36 -7.73 22.61 7.11
N GLU B 37 -8.85 22.80 6.40
CA GLU B 37 -10.00 23.49 6.95
C GLU B 37 -10.46 22.87 8.25
N ILE B 38 -10.67 21.55 8.25
CA ILE B 38 -11.21 20.90 9.44
C ILE B 38 -10.27 21.09 10.62
N CYS B 39 -8.96 21.00 10.39
CA CYS B 39 -8.07 21.01 11.54
C CYS B 39 -7.87 22.40 12.11
N THR B 40 -7.97 23.46 11.29
CA THR B 40 -7.87 24.80 11.88
C THR B 40 -9.08 25.10 12.75
N GLU B 41 -10.26 24.65 12.35
CA GLU B 41 -11.44 24.84 13.20
C GLU B 41 -11.32 24.03 14.49
N MET B 42 -10.67 22.87 14.46
CA MET B 42 -10.42 22.10 15.69
C MET B 42 -9.29 22.66 16.53
N GLU B 43 -8.37 23.44 15.94
CA GLU B 43 -7.39 24.17 16.74
C GLU B 43 -8.06 25.33 17.46
N LYS B 44 -8.75 26.19 16.68
CA LYS B 44 -9.48 27.34 17.18
C LYS B 44 -10.44 26.99 18.32
N GLU B 45 -10.79 25.72 18.48
CA GLU B 45 -11.63 25.29 19.58
C GLU B 45 -10.85 24.52 20.64
N GLY B 46 -9.52 24.57 20.61
CA GLY B 46 -8.73 23.97 21.67
C GLY B 46 -8.63 22.46 21.64
N LYS B 47 -9.14 21.81 20.57
CA LYS B 47 -9.14 20.36 20.46
C LYS B 47 -7.76 19.81 20.07
N ILE B 48 -7.16 20.37 19.02
CA ILE B 48 -5.81 20.01 18.60
C ILE B 48 -4.88 21.22 18.71
N SER B 49 -3.58 20.93 18.79
CA SER B 49 -2.52 21.93 18.86
C SER B 49 -1.44 21.64 17.83
N LYS B 50 -0.97 22.67 17.13
CA LYS B 50 0.22 22.53 16.30
C LYS B 50 1.41 22.06 17.13
N ILE B 51 2.26 21.21 16.55
CA ILE B 51 3.40 20.67 17.27
C ILE B 51 4.65 20.84 16.44
N GLY B 52 5.78 20.51 17.05
CA GLY B 52 7.07 20.81 16.47
C GLY B 52 7.74 19.63 15.79
N PRO B 53 9.01 19.82 15.41
CA PRO B 53 9.76 18.72 14.82
C PRO B 53 10.37 17.78 15.84
N GLU B 54 10.42 18.19 17.10
CA GLU B 54 10.95 17.35 18.16
C GLU B 54 10.01 16.20 18.54
N ASN B 55 8.80 16.12 17.99
CA ASN B 55 7.87 15.04 18.27
C ASN B 55 8.01 13.98 17.19
N PRO B 56 8.56 12.80 17.47
CA PRO B 56 8.91 11.87 16.41
C PRO B 56 7.81 10.92 15.98
N TYR B 57 6.68 10.89 16.67
CA TYR B 57 5.64 9.91 16.41
C TYR B 57 4.67 10.39 15.32
N ASN B 58 4.00 9.44 14.67
CA ASN B 58 2.96 9.82 13.70
C ASN B 58 1.95 8.70 13.48
N THR B 59 0.77 9.12 13.02
CA THR B 59 -0.42 8.33 12.72
C THR B 59 -1.11 8.86 11.46
N PRO B 60 -1.58 7.98 10.58
CA PRO B 60 -2.17 8.45 9.31
C PRO B 60 -3.48 9.21 9.47
N VAL B 61 -3.69 10.20 8.62
CA VAL B 61 -4.95 10.93 8.60
C VAL B 61 -5.54 10.82 7.20
N PHE B 62 -6.87 10.69 7.12
CA PHE B 62 -7.56 10.65 5.83
C PHE B 62 -8.82 11.50 5.89
N ALA B 63 -9.43 11.70 4.73
CA ALA B 63 -10.68 12.44 4.61
C ALA B 63 -11.73 11.54 3.96
N ILE B 64 -12.77 11.20 4.71
CA ILE B 64 -13.79 10.28 4.17
C ILE B 64 -15.09 11.04 3.98
N LYS B 65 -16.14 10.34 3.51
CA LYS B 65 -17.30 11.02 2.95
C LYS B 65 -18.41 11.30 3.97
N LYS B 66 -18.47 10.56 5.09
CA LYS B 66 -19.52 10.77 6.10
C LYS B 66 -19.48 12.18 6.72
N THR B 70 -22.06 13.26 3.07
CA THR B 70 -22.50 14.66 3.19
C THR B 70 -21.32 15.64 3.02
N LYS B 71 -21.00 16.39 4.07
CA LYS B 71 -19.80 17.23 4.12
C LYS B 71 -18.62 16.42 4.64
N TRP B 72 -17.42 16.84 4.24
CA TRP B 72 -16.19 16.09 4.52
C TRP B 72 -15.99 15.83 6.01
N ARG B 73 -15.35 14.72 6.33
CA ARG B 73 -15.08 14.32 7.70
C ARG B 73 -13.67 13.81 7.82
N LYS B 74 -13.04 14.10 8.95
CA LYS B 74 -11.70 13.64 9.21
C LYS B 74 -11.69 12.28 9.92
N LEU B 75 -10.90 11.36 9.40
CA LEU B 75 -10.69 10.03 9.96
C LEU B 75 -9.21 9.84 10.26
N VAL B 76 -8.90 9.49 11.50
CA VAL B 76 -7.54 9.15 11.88
C VAL B 76 -7.44 7.64 12.01
N ASP B 77 -6.40 7.06 11.42
CA ASP B 77 -6.20 5.61 11.44
C ASP B 77 -5.29 5.28 12.61
N PHE B 78 -5.91 5.21 13.78
CA PHE B 78 -5.19 4.89 15.03
C PHE B 78 -4.91 3.38 15.22
N ARG B 79 -5.06 2.55 14.18
CA ARG B 79 -4.86 1.11 14.32
C ARG B 79 -3.57 0.77 15.08
N GLU B 80 -2.46 1.40 14.71
CA GLU B 80 -1.18 1.04 15.30
C GLU B 80 -1.10 1.49 16.75
N LEU B 81 -1.82 2.55 17.11
CA LEU B 81 -1.78 3.08 18.47
C LEU B 81 -2.63 2.24 19.40
N ASN B 82 -3.81 1.83 18.92
CA ASN B 82 -4.68 0.93 19.67
C ASN B 82 -3.97 -0.38 20.04
N LYS B 83 -3.21 -0.97 19.12
CA LYS B 83 -2.40 -2.12 19.48
C LYS B 83 -1.42 -1.77 20.59
N LYS B 84 -1.04 -0.50 20.69
CA LYS B 84 0.00 -0.09 21.62
C LYS B 84 -0.56 0.32 22.97
N THR B 85 -1.88 0.44 23.10
CA THR B 85 -2.56 0.64 24.38
C THR B 85 -3.65 -0.42 24.64
N GLN B 86 -3.44 -1.68 24.20
CA GLN B 86 -4.49 -2.70 24.23
C GLN B 86 -4.76 -3.24 25.64
N ASP B 87 -3.71 -3.35 26.48
CA ASP B 87 -3.91 -3.73 27.88
C ASP B 87 -4.68 -2.67 28.66
N PHE B 88 -4.67 -1.42 28.19
CA PHE B 88 -5.38 -0.34 28.87
C PHE B 88 -6.90 -0.45 28.69
N TRP B 89 -7.36 -0.42 27.44
CA TRP B 89 -8.80 -0.28 27.16
C TRP B 89 -9.54 -1.62 27.09
N GLU B 90 -8.88 -2.74 27.37
CA GLU B 90 -9.56 -4.02 27.43
C GLU B 90 -9.45 -4.69 28.79
N VAL B 91 -8.23 -4.88 29.31
CA VAL B 91 -8.07 -5.44 30.65
C VAL B 91 -8.51 -4.44 31.70
N GLN B 92 -7.89 -3.26 31.72
CA GLN B 92 -8.13 -2.28 32.76
C GLN B 92 -9.57 -1.76 32.74
N LEU B 93 -10.12 -1.48 31.55
CA LEU B 93 -11.42 -0.81 31.46
C LEU B 93 -12.28 -1.35 30.32
N GLY B 94 -12.13 -2.62 29.98
CA GLY B 94 -12.87 -3.20 28.88
C GLY B 94 -14.37 -3.14 29.10
N ILE B 95 -15.10 -3.43 28.03
CA ILE B 95 -16.56 -3.40 28.00
C ILE B 95 -17.07 -4.81 27.77
N PRO B 96 -17.97 -5.34 28.61
CA PRO B 96 -18.49 -6.69 28.37
C PRO B 96 -19.41 -6.72 27.16
N HIS B 97 -19.55 -7.95 26.55
CA HIS B 97 -20.40 -7.99 25.35
C HIS B 97 -21.76 -8.62 25.68
N PRO B 98 -22.87 -7.97 25.25
CA PRO B 98 -24.21 -8.53 25.47
C PRO B 98 -24.65 -9.55 24.43
N ALA B 99 -24.56 -10.84 24.81
CA ALA B 99 -25.00 -11.91 23.93
C ALA B 99 -26.39 -11.66 23.40
N GLY B 100 -27.21 -10.91 24.16
CA GLY B 100 -28.57 -10.66 23.72
C GLY B 100 -28.70 -9.76 22.50
N LEU B 101 -27.66 -8.97 22.21
CA LEU B 101 -27.84 -7.90 21.22
C LEU B 101 -28.20 -8.47 19.85
N LYS B 102 -27.57 -9.60 19.48
CA LYS B 102 -27.79 -10.18 18.15
C LYS B 102 -29.22 -10.63 17.92
N LYS B 103 -30.03 -10.75 18.98
CA LYS B 103 -31.34 -11.40 18.92
C LYS B 103 -32.51 -10.42 18.77
N LYS B 104 -32.29 -9.13 18.98
CA LYS B 104 -33.36 -8.17 18.73
C LYS B 104 -33.78 -8.23 17.27
N LYS B 105 -34.98 -7.71 16.99
CA LYS B 105 -35.53 -7.77 15.64
C LYS B 105 -35.02 -6.64 14.76
N SER B 106 -34.73 -5.49 15.37
CA SER B 106 -34.16 -4.37 14.63
C SER B 106 -33.21 -3.62 15.53
N VAL B 107 -31.97 -3.44 15.08
CA VAL B 107 -30.93 -2.78 15.85
C VAL B 107 -30.38 -1.64 15.00
N THR B 108 -30.54 -0.40 15.47
CA THR B 108 -30.03 0.79 14.82
C THR B 108 -28.88 1.39 15.62
N VAL B 109 -28.05 2.16 14.92
CA VAL B 109 -26.82 2.69 15.48
C VAL B 109 -26.54 4.06 14.86
N LEU B 110 -26.29 5.06 15.71
CA LEU B 110 -25.95 6.39 15.25
C LEU B 110 -24.69 6.88 15.96
N ASP B 111 -24.18 8.02 15.45
CA ASP B 111 -22.82 8.50 15.74
C ASP B 111 -22.77 9.27 17.06
N VAL B 112 -21.90 8.80 17.96
CA VAL B 112 -21.70 9.39 19.28
C VAL B 112 -20.33 10.08 19.27
N GLY B 113 -19.98 10.66 18.13
CA GLY B 113 -18.64 11.18 17.92
C GLY B 113 -18.28 12.33 18.82
N ASP B 114 -19.08 13.39 18.75
CA ASP B 114 -18.86 14.61 19.50
C ASP B 114 -18.73 14.38 21.01
N ALA B 115 -19.10 13.19 21.47
CA ALA B 115 -19.09 12.93 22.91
C ALA B 115 -17.68 13.00 23.47
N TYR B 116 -16.69 12.55 22.70
CA TYR B 116 -15.32 12.51 23.20
C TYR B 116 -14.64 13.87 23.20
N PHE B 117 -15.16 14.84 22.43
CA PHE B 117 -14.47 16.09 22.12
C PHE B 117 -14.36 17.06 23.30
N SER B 118 -14.98 16.79 24.44
CA SER B 118 -14.99 17.74 25.53
C SER B 118 -14.26 17.24 26.78
N VAL B 119 -13.68 16.05 26.74
CA VAL B 119 -12.91 15.50 27.86
C VAL B 119 -11.43 15.75 27.59
N PRO B 120 -10.66 16.20 28.57
CA PRO B 120 -9.21 16.39 28.32
C PRO B 120 -8.46 15.08 28.27
N LEU B 121 -7.41 15.05 27.46
CA LEU B 121 -6.53 13.90 27.32
C LEU B 121 -5.30 14.06 28.21
N ASP B 122 -4.85 12.95 28.78
CA ASP B 122 -3.69 12.97 29.66
C ASP B 122 -2.51 13.62 28.96
N GLU B 123 -1.93 14.64 29.61
CA GLU B 123 -0.88 15.42 28.97
C GLU B 123 0.33 14.56 28.61
N ASP B 124 0.78 13.73 29.54
CA ASP B 124 1.94 12.87 29.25
C ASP B 124 1.67 11.84 28.16
N PHE B 125 0.47 11.85 27.58
CA PHE B 125 0.09 10.94 26.51
C PHE B 125 -0.20 11.63 25.18
N ARG B 126 -0.44 12.94 25.17
CA ARG B 126 -0.87 13.58 23.93
C ARG B 126 0.15 13.36 22.83
N LYS B 127 1.43 13.28 23.18
CA LYS B 127 2.44 13.25 22.14
C LYS B 127 2.28 12.07 21.20
N TYR B 128 1.61 11.00 21.59
CA TYR B 128 1.44 9.91 20.65
C TYR B 128 0.33 10.18 19.64
N THR B 129 -0.56 11.09 19.93
CA THR B 129 -1.63 11.30 18.97
C THR B 129 -1.20 12.12 17.77
N ALA B 130 0.10 12.24 17.51
CA ALA B 130 0.56 13.19 16.50
C ALA B 130 0.20 12.70 15.11
N PHE B 131 -0.33 13.61 14.28
CA PHE B 131 -0.63 13.31 12.89
C PHE B 131 -0.24 14.48 12.00
N THR B 132 -0.15 14.23 10.70
CA THR B 132 0.49 15.13 9.74
C THR B 132 -0.39 15.33 8.52
N ILE B 133 -0.79 16.56 8.25
CA ILE B 133 -1.44 16.83 6.96
C ILE B 133 -0.39 17.00 5.89
N PRO B 134 -0.34 16.13 4.88
CA PRO B 134 0.71 16.23 3.87
C PRO B 134 0.52 17.44 2.99
N SER B 135 1.43 17.65 2.02
CA SER B 135 1.26 18.73 1.08
C SER B 135 1.65 18.26 -0.31
N ILE B 136 0.94 18.76 -1.33
CA ILE B 136 1.18 18.25 -2.67
C ILE B 136 2.63 18.48 -3.06
N ASN B 137 3.16 17.56 -3.83
CA ASN B 137 4.50 17.69 -4.40
C ASN B 137 5.56 18.10 -3.35
N ASN B 138 5.29 17.89 -2.06
CA ASN B 138 6.31 18.05 -1.03
C ASN B 138 6.85 19.45 -1.02
N GLU B 139 5.97 20.40 -1.30
CA GLU B 139 6.32 21.81 -1.40
C GLU B 139 6.25 22.55 -0.08
N THR B 140 5.65 21.98 0.95
CA THR B 140 5.59 22.67 2.22
C THR B 140 5.73 21.59 3.30
N PRO B 141 6.26 21.94 4.47
CA PRO B 141 6.76 20.88 5.37
C PRO B 141 5.71 19.88 5.83
N GLY B 142 4.44 20.25 5.85
CA GLY B 142 3.49 19.28 6.32
C GLY B 142 3.02 19.76 7.66
N ILE B 143 1.71 19.81 7.85
CA ILE B 143 1.12 20.40 9.03
C ILE B 143 0.98 19.31 10.08
N ARG B 144 1.61 19.51 11.24
CA ARG B 144 1.66 18.52 12.31
C ARG B 144 0.84 19.00 13.50
N TYR B 145 -0.12 18.19 13.93
CA TYR B 145 -0.90 18.46 15.13
C TYR B 145 -0.73 17.34 16.15
N GLN B 146 -1.32 17.56 17.32
CA GLN B 146 -1.50 16.50 18.29
C GLN B 146 -2.79 16.81 19.02
N TYR B 147 -3.23 15.87 19.85
CA TYR B 147 -4.56 15.92 20.42
C TYR B 147 -4.51 16.38 21.87
N ASN B 148 -5.42 17.31 22.23
CA ASN B 148 -5.63 17.78 23.60
C ASN B 148 -6.82 17.13 24.30
N VAL B 149 -7.71 16.51 23.52
CA VAL B 149 -8.90 15.86 24.03
C VAL B 149 -8.90 14.40 23.62
N LEU B 150 -9.96 13.68 23.96
CA LEU B 150 -10.13 12.29 23.56
C LEU B 150 -10.38 12.23 22.06
N PRO B 151 -9.61 11.48 21.31
CA PRO B 151 -9.80 11.46 19.85
C PRO B 151 -10.85 10.44 19.41
N GLN B 152 -11.77 10.84 18.54
CA GLN B 152 -12.56 9.83 17.88
C GLN B 152 -11.61 8.81 17.26
N GLY B 153 -11.91 7.52 17.42
CA GLY B 153 -11.16 6.48 16.76
C GLY B 153 -10.08 5.83 17.60
N TRP B 154 -9.74 6.41 18.74
CA TRP B 154 -8.91 5.71 19.69
C TRP B 154 -9.76 4.73 20.49
N LYS B 155 -9.20 3.58 20.81
CA LYS B 155 -9.92 2.66 21.68
C LYS B 155 -9.83 3.07 23.14
N GLY B 156 -8.82 3.86 23.52
CA GLY B 156 -8.76 4.37 24.87
C GLY B 156 -9.84 5.37 25.18
N SER B 157 -10.49 5.92 24.17
CA SER B 157 -11.49 6.94 24.41
C SER B 157 -12.78 6.36 24.95
N PRO B 158 -13.29 5.25 24.43
CA PRO B 158 -14.49 4.67 25.04
C PRO B 158 -14.27 4.21 26.47
N ALA B 159 -13.10 3.65 26.79
CA ALA B 159 -12.85 3.12 28.13
C ALA B 159 -12.90 4.21 29.19
N ILE B 160 -12.62 5.45 28.81
CA ILE B 160 -12.54 6.53 29.78
C ILE B 160 -13.88 7.21 29.95
N PHE B 161 -14.50 7.61 28.85
CA PHE B 161 -15.85 8.15 28.85
C PHE B 161 -16.87 7.06 29.17
N GLN B 162 -16.41 5.83 29.43
CA GLN B 162 -17.34 4.75 29.78
C GLN B 162 -17.95 4.98 31.15
N SER B 163 -17.09 5.21 32.16
CA SER B 163 -17.58 5.55 33.49
C SER B 163 -18.60 6.66 33.44
N SER B 164 -18.41 7.60 32.54
CA SER B 164 -19.41 8.64 32.30
C SER B 164 -20.52 8.20 31.34
N MET B 165 -20.33 7.12 30.58
CA MET B 165 -21.33 6.74 29.58
C MET B 165 -22.51 6.03 30.22
N THR B 166 -22.26 5.12 31.17
CA THR B 166 -23.37 4.47 31.86
C THR B 166 -24.29 5.49 32.50
N LYS B 167 -23.72 6.55 33.10
CA LYS B 167 -24.52 7.58 33.78
C LYS B 167 -25.35 8.42 32.83
N ILE B 168 -24.95 8.52 31.55
CA ILE B 168 -25.83 9.17 30.58
C ILE B 168 -27.01 8.26 30.27
N LEU B 169 -26.77 6.95 30.22
CA LEU B 169 -27.73 5.97 29.74
C LEU B 169 -28.52 5.29 30.85
N GLU B 170 -28.18 5.53 32.11
CA GLU B 170 -28.86 4.90 33.24
C GLU B 170 -30.33 5.33 33.38
N PRO B 171 -30.71 6.58 33.10
CA PRO B 171 -32.16 6.90 33.10
C PRO B 171 -32.93 6.15 32.04
N PHE B 172 -32.40 6.03 30.82
CA PHE B 172 -33.11 5.31 29.79
C PHE B 172 -33.12 3.80 30.04
N ARG B 173 -32.13 3.28 30.77
CA ARG B 173 -32.01 1.84 31.00
C ARG B 173 -32.97 1.33 32.07
N LYS B 174 -33.30 2.16 33.06
CA LYS B 174 -34.37 1.81 33.99
C LYS B 174 -35.74 1.98 33.34
N GLN B 175 -35.90 3.01 32.51
CA GLN B 175 -37.19 3.31 31.87
C GLN B 175 -37.59 2.22 30.88
N ASN B 176 -36.64 1.77 30.04
CA ASN B 176 -36.91 0.75 29.00
C ASN B 176 -35.90 -0.37 29.17
N PRO B 177 -36.14 -1.30 30.08
CA PRO B 177 -35.13 -2.30 30.47
C PRO B 177 -35.19 -3.63 29.72
N ASP B 178 -35.90 -3.71 28.60
CA ASP B 178 -35.78 -4.85 27.69
C ASP B 178 -35.13 -4.46 26.35
N ILE B 179 -34.55 -3.26 26.28
CA ILE B 179 -33.75 -2.81 25.15
C ILE B 179 -32.30 -2.80 25.57
N VAL B 180 -31.41 -3.29 24.71
CA VAL B 180 -30.00 -3.40 25.04
C VAL B 180 -29.24 -2.27 24.37
N ILE B 181 -28.26 -1.73 25.09
CA ILE B 181 -27.39 -0.67 24.61
C ILE B 181 -25.94 -1.16 24.69
N TYR B 182 -25.23 -1.07 23.58
CA TYR B 182 -23.83 -1.48 23.50
C TYR B 182 -23.09 -0.50 22.60
N GLN B 183 -21.93 -0.02 23.07
CA GLN B 183 -21.12 0.98 22.38
C GLN B 183 -19.80 0.35 21.96
N TYR B 184 -19.51 0.38 20.65
CA TYR B 184 -18.21 0.03 20.09
C TYR B 184 -17.65 1.26 19.41
N MET B 185 -16.44 1.66 19.81
CA MET B 185 -15.76 2.86 19.34
C MET B 185 -16.64 4.08 19.48
N ASP B 186 -17.08 4.64 18.36
CA ASP B 186 -17.86 5.87 18.41
C ASP B 186 -19.32 5.63 18.10
N ASP B 187 -19.80 4.41 18.31
CA ASP B 187 -21.13 4.04 17.87
C ASP B 187 -21.91 3.40 19.01
N LEU B 188 -23.21 3.67 19.03
CA LEU B 188 -24.12 3.08 20.00
C LEU B 188 -25.05 2.12 19.26
N TYR B 189 -24.98 0.84 19.63
CA TYR B 189 -25.84 -0.18 19.05
C TYR B 189 -26.99 -0.43 20.02
N VAL B 190 -28.21 -0.11 19.60
CA VAL B 190 -29.41 -0.17 20.44
C VAL B 190 -30.42 -1.13 19.81
N GLY B 191 -30.79 -2.16 20.56
CA GLY B 191 -31.49 -3.32 20.00
C GLY B 191 -32.89 -3.45 20.56
N SER B 192 -33.85 -3.63 19.66
CA SER B 192 -35.25 -3.59 20.01
C SER B 192 -36.04 -4.64 19.24
N ASP B 193 -37.15 -5.08 19.85
CA ASP B 193 -38.14 -5.93 19.20
C ASP B 193 -39.38 -5.14 18.77
N LEU B 194 -39.32 -3.80 18.76
CA LEU B 194 -40.47 -2.97 18.47
C LEU B 194 -40.84 -3.02 16.98
N GLU B 195 -42.00 -2.46 16.67
CA GLU B 195 -42.42 -2.31 15.29
C GLU B 195 -41.63 -1.20 14.62
N ILE B 196 -41.73 -1.11 13.30
CA ILE B 196 -40.93 -0.13 12.55
C ILE B 196 -41.34 1.30 12.88
N GLY B 197 -42.64 1.54 13.10
CA GLY B 197 -43.05 2.85 13.57
C GLY B 197 -42.62 3.09 15.01
N GLN B 198 -42.64 2.03 15.84
CA GLN B 198 -42.27 2.12 17.24
C GLN B 198 -40.75 2.15 17.45
N HIS B 199 -39.97 1.57 16.53
CA HIS B 199 -38.52 1.74 16.58
C HIS B 199 -38.13 3.18 16.26
N ARG B 200 -38.80 3.80 15.28
CA ARG B 200 -38.46 5.17 14.86
C ARG B 200 -38.85 6.22 15.89
N THR B 201 -39.78 5.91 16.81
CA THR B 201 -40.11 6.84 17.89
C THR B 201 -39.14 6.70 19.05
N LYS B 202 -38.74 5.47 19.37
CA LYS B 202 -37.77 5.26 20.43
C LYS B 202 -36.40 5.83 20.09
N ILE B 203 -36.09 6.05 18.80
CA ILE B 203 -34.79 6.62 18.44
C ILE B 203 -34.77 8.12 18.70
N GLU B 204 -35.83 8.83 18.30
CA GLU B 204 -35.90 10.25 18.60
C GLU B 204 -35.87 10.50 20.11
N GLU B 205 -36.28 9.50 20.91
CA GLU B 205 -36.20 9.62 22.36
C GLU B 205 -34.76 9.74 22.84
N LEU B 206 -33.84 9.02 22.22
CA LEU B 206 -32.43 9.15 22.59
C LEU B 206 -31.76 10.34 21.91
N ARG B 207 -32.25 10.73 20.72
CA ARG B 207 -31.66 11.90 20.06
C ARG B 207 -31.99 13.19 20.80
N GLN B 208 -33.16 13.23 21.46
CA GLN B 208 -33.49 14.36 22.34
C GLN B 208 -32.83 14.23 23.71
N HIS B 209 -32.65 13.00 24.19
CA HIS B 209 -32.03 12.76 25.50
C HIS B 209 -30.55 13.12 25.50
N LEU B 210 -29.86 12.90 24.38
CA LEU B 210 -28.42 13.11 24.29
C LEU B 210 -28.03 14.57 24.02
N LEU B 211 -28.87 15.35 23.32
CA LEU B 211 -28.65 16.78 23.16
C LEU B 211 -28.62 17.49 24.51
N ARG B 212 -29.02 16.77 25.57
CA ARG B 212 -28.94 17.26 26.94
C ARG B 212 -27.57 17.01 27.59
N TRP B 213 -26.62 16.43 26.86
CA TRP B 213 -25.23 16.36 27.30
C TRP B 213 -24.25 16.79 26.21
N GLY B 214 -24.74 17.34 25.09
CA GLY B 214 -23.90 17.90 24.05
C GLY B 214 -23.47 16.94 22.95
N LEU B 215 -24.36 16.05 22.52
CA LEU B 215 -24.04 15.00 21.56
C LEU B 215 -25.09 14.98 20.44
N THR B 216 -24.71 15.43 19.24
CA THR B 216 -25.61 15.37 18.10
C THR B 216 -25.72 13.91 17.64
N THR B 217 -26.29 13.69 16.45
CA THR B 217 -26.42 12.35 15.89
C THR B 217 -25.81 12.26 14.49
N TYR B 233 -33.01 1.38 10.07
CA TYR B 233 -31.96 0.68 9.33
C TYR B 233 -31.25 -0.39 10.17
N GLU B 234 -30.66 -1.37 9.48
CA GLU B 234 -30.09 -2.58 10.09
C GLU B 234 -31.14 -3.36 10.87
N LEU B 235 -32.27 -3.64 10.20
CA LEU B 235 -33.35 -4.48 10.73
C LEU B 235 -33.00 -5.96 10.54
N HIS B 236 -31.69 -6.25 10.57
CA HIS B 236 -31.12 -7.51 10.06
C HIS B 236 -30.80 -8.61 11.08
N PRO B 237 -30.56 -8.33 12.37
CA PRO B 237 -29.93 -9.37 13.21
C PRO B 237 -30.64 -10.72 13.23
N ASP B 238 -31.97 -10.75 13.05
CA ASP B 238 -32.64 -12.03 12.86
C ASP B 238 -32.66 -12.48 11.39
N LYS B 239 -32.17 -11.64 10.46
CA LYS B 239 -32.10 -12.00 9.06
C LYS B 239 -30.73 -12.55 8.63
N TRP B 240 -29.74 -12.56 9.52
CA TRP B 240 -28.42 -13.14 9.20
C TRP B 240 -28.49 -14.65 9.44
N THR B 241 -28.83 -15.38 8.39
CA THR B 241 -28.99 -16.83 8.47
C THR B 241 -28.03 -17.51 7.49
N VAL B 242 -27.27 -18.48 7.99
CA VAL B 242 -26.28 -19.18 7.17
C VAL B 242 -27.00 -20.10 6.19
N GLN B 243 -26.85 -19.81 4.91
CA GLN B 243 -27.47 -20.58 3.83
C GLN B 243 -26.73 -21.90 3.59
N PRO B 244 -27.43 -22.90 3.08
CA PRO B 244 -26.81 -24.19 2.79
C PRO B 244 -26.15 -24.19 1.42
N ILE B 245 -25.18 -25.09 1.27
CA ILE B 245 -24.67 -25.37 -0.06
C ILE B 245 -25.72 -26.19 -0.80
N VAL B 246 -25.90 -25.93 -2.11
CA VAL B 246 -26.93 -26.57 -2.91
C VAL B 246 -26.27 -27.21 -4.12
N LEU B 247 -26.11 -28.54 -4.09
CA LEU B 247 -25.42 -29.25 -5.16
C LEU B 247 -26.28 -29.30 -6.43
N PRO B 248 -25.66 -29.44 -7.60
CA PRO B 248 -26.42 -29.44 -8.86
C PRO B 248 -27.36 -30.64 -8.95
N GLU B 249 -28.56 -30.40 -9.50
CA GLU B 249 -29.51 -31.46 -9.83
C GLU B 249 -29.58 -31.61 -11.34
N LYS B 250 -29.26 -32.81 -11.83
CA LYS B 250 -29.16 -33.06 -13.27
C LYS B 250 -29.87 -34.35 -13.61
N ASP B 251 -30.56 -34.37 -14.74
CA ASP B 251 -31.23 -35.57 -15.20
C ASP B 251 -30.31 -36.52 -15.95
N SER B 252 -29.21 -36.01 -16.50
CA SER B 252 -28.19 -36.83 -17.10
C SER B 252 -26.84 -36.29 -16.64
N TRP B 253 -25.92 -37.20 -16.28
CA TRP B 253 -24.59 -36.80 -15.86
C TRP B 253 -23.57 -37.16 -16.93
N THR B 254 -22.70 -36.25 -17.27
CA THR B 254 -21.60 -36.64 -18.11
C THR B 254 -20.38 -36.98 -17.26
N VAL B 255 -19.41 -37.63 -17.89
CA VAL B 255 -18.14 -37.91 -17.22
C VAL B 255 -17.54 -36.62 -16.69
N ASN B 256 -17.70 -35.54 -17.44
CA ASN B 256 -17.25 -34.24 -16.94
C ASN B 256 -18.04 -33.85 -15.70
N ASP B 257 -19.36 -33.71 -15.84
CA ASP B 257 -20.21 -33.24 -14.73
C ASP B 257 -19.90 -33.93 -13.40
N ILE B 258 -19.54 -35.22 -13.45
CA ILE B 258 -19.26 -35.97 -12.23
C ILE B 258 -17.83 -35.74 -11.78
N GLN B 259 -16.89 -35.55 -12.72
CA GLN B 259 -15.50 -35.28 -12.37
C GLN B 259 -15.36 -34.00 -11.56
N LYS B 260 -16.09 -32.95 -11.96
CA LYS B 260 -15.93 -31.69 -11.26
C LYS B 260 -16.68 -31.71 -9.93
N LEU B 261 -17.86 -32.34 -9.87
CA LEU B 261 -18.57 -32.49 -8.61
C LEU B 261 -17.74 -33.27 -7.60
N VAL B 262 -16.92 -34.21 -8.08
CA VAL B 262 -16.12 -35.02 -7.17
C VAL B 262 -15.02 -34.17 -6.54
N GLY B 263 -14.34 -33.35 -7.34
CA GLY B 263 -13.28 -32.54 -6.76
C GLY B 263 -13.79 -31.53 -5.75
N LYS B 264 -14.96 -30.97 -6.00
CA LYS B 264 -15.51 -29.98 -5.08
C LYS B 264 -15.91 -30.63 -3.78
N LEU B 265 -16.64 -31.75 -3.88
CA LEU B 265 -17.02 -32.49 -2.67
C LEU B 265 -15.80 -32.97 -1.91
N ASN B 266 -14.78 -33.42 -2.65
CA ASN B 266 -13.57 -33.90 -1.99
C ASN B 266 -12.90 -32.80 -1.18
N TRP B 267 -12.84 -31.58 -1.73
CA TRP B 267 -12.30 -30.44 -0.99
C TRP B 267 -13.23 -30.05 0.17
N ALA B 268 -14.53 -30.01 -0.09
CA ALA B 268 -15.46 -29.61 0.96
C ALA B 268 -15.47 -30.59 2.12
N SER B 269 -14.79 -31.73 1.99
CA SER B 269 -14.70 -32.64 3.10
C SER B 269 -13.92 -32.02 4.26
N GLN B 270 -12.96 -31.14 3.98
CA GLN B 270 -12.28 -30.45 5.06
C GLN B 270 -13.27 -29.70 5.93
N ILE B 271 -14.38 -29.25 5.37
CA ILE B 271 -15.39 -28.54 6.13
C ILE B 271 -16.41 -29.49 6.70
N TYR B 272 -16.94 -30.39 5.86
CA TYR B 272 -17.86 -31.44 6.29
C TYR B 272 -17.15 -32.78 6.16
N PRO B 273 -16.71 -33.41 7.26
CA PRO B 273 -16.05 -34.72 7.12
C PRO B 273 -17.02 -35.84 6.78
N GLY B 274 -18.32 -35.63 6.90
CA GLY B 274 -19.27 -36.65 6.49
C GLY B 274 -19.35 -36.91 4.99
N ILE B 275 -18.76 -36.04 4.18
CA ILE B 275 -18.91 -36.15 2.73
C ILE B 275 -18.09 -37.31 2.20
N LYS B 276 -18.69 -38.09 1.28
CA LYS B 276 -18.02 -39.23 0.69
C LYS B 276 -18.16 -39.15 -0.82
N VAL B 277 -17.16 -39.67 -1.54
CA VAL B 277 -17.16 -39.58 -2.99
C VAL B 277 -16.86 -40.91 -3.64
N ARG B 278 -16.80 -41.99 -2.85
CA ARG B 278 -16.29 -43.26 -3.37
C ARG B 278 -17.23 -43.86 -4.40
N GLN B 279 -18.54 -43.81 -4.11
CA GLN B 279 -19.53 -44.34 -5.04
C GLN B 279 -19.61 -43.55 -6.33
N LEU B 280 -19.18 -42.28 -6.30
CA LEU B 280 -19.08 -41.45 -7.49
C LEU B 280 -17.82 -41.78 -8.29
N CYS B 281 -16.67 -41.93 -7.63
CA CYS B 281 -15.46 -42.25 -8.39
C CYS B 281 -15.50 -43.66 -8.98
N LYS B 282 -16.24 -44.58 -8.35
CA LYS B 282 -16.44 -45.89 -8.96
C LYS B 282 -17.12 -45.76 -10.32
N LEU B 283 -18.12 -44.86 -10.41
CA LEU B 283 -18.83 -44.61 -11.64
C LEU B 283 -17.92 -44.22 -12.80
N LEU B 284 -16.72 -43.73 -12.51
CA LEU B 284 -15.85 -43.19 -13.55
C LEU B 284 -14.77 -44.22 -13.83
N ARG B 285 -15.21 -45.37 -14.38
CA ARG B 285 -14.35 -46.51 -14.66
C ARG B 285 -13.86 -46.47 -16.11
N GLY B 286 -12.55 -46.60 -16.31
CA GLY B 286 -11.99 -46.53 -17.64
C GLY B 286 -11.98 -45.14 -18.25
N THR B 287 -11.02 -44.88 -19.14
CA THR B 287 -10.85 -43.54 -19.69
C THR B 287 -11.98 -43.18 -20.64
N LYS B 288 -13.07 -42.62 -20.12
CA LYS B 288 -14.25 -42.27 -20.90
C LYS B 288 -14.09 -40.90 -21.58
N ALA B 289 -14.93 -40.67 -22.60
CA ALA B 289 -14.96 -39.37 -23.26
C ALA B 289 -15.65 -38.40 -22.35
N LEU B 290 -15.13 -37.17 -22.28
CA LEU B 290 -15.59 -36.26 -21.24
C LEU B 290 -17.08 -35.96 -21.34
N THR B 291 -17.70 -36.20 -22.52
CA THR B 291 -19.12 -35.92 -22.76
C THR B 291 -20.04 -37.13 -22.56
N GLU B 292 -19.49 -38.32 -22.36
CA GLU B 292 -20.27 -39.56 -22.26
C GLU B 292 -21.20 -39.57 -21.05
N VAL B 293 -22.45 -39.96 -21.25
CA VAL B 293 -23.43 -39.88 -20.17
C VAL B 293 -23.37 -41.13 -19.29
N ILE B 294 -23.04 -40.94 -18.01
CA ILE B 294 -22.99 -42.02 -17.03
C ILE B 294 -24.31 -42.02 -16.28
N PRO B 295 -25.07 -43.12 -16.29
CA PRO B 295 -26.18 -43.26 -15.34
C PRO B 295 -25.65 -43.55 -13.95
N LEU B 296 -26.23 -42.89 -12.96
CA LEU B 296 -25.82 -43.06 -11.57
C LEU B 296 -26.41 -44.37 -11.05
N THR B 297 -25.53 -45.31 -10.66
CA THR B 297 -25.93 -46.55 -9.99
C THR B 297 -26.80 -46.24 -8.77
N GLU B 298 -27.50 -47.24 -8.23
CA GLU B 298 -28.31 -46.94 -7.04
C GLU B 298 -27.42 -46.67 -5.82
N GLU B 299 -26.22 -47.24 -5.79
CA GLU B 299 -25.28 -46.92 -4.72
C GLU B 299 -24.80 -45.48 -4.84
N ALA B 300 -24.40 -45.07 -6.06
CA ALA B 300 -23.88 -43.72 -6.26
C ALA B 300 -24.97 -42.67 -6.02
N GLU B 301 -26.20 -42.90 -6.48
CA GLU B 301 -27.28 -41.97 -6.19
C GLU B 301 -27.61 -41.89 -4.69
N LEU B 302 -27.29 -42.91 -3.92
CA LEU B 302 -27.47 -42.78 -2.47
C LEU B 302 -26.40 -41.87 -1.88
N GLU B 303 -25.14 -42.07 -2.28
CA GLU B 303 -24.07 -41.21 -1.77
C GLU B 303 -24.37 -39.75 -2.03
N LEU B 304 -24.73 -39.42 -3.27
CA LEU B 304 -25.06 -38.05 -3.65
C LEU B 304 -26.17 -37.46 -2.78
N ALA B 305 -27.14 -38.28 -2.35
CA ALA B 305 -28.25 -37.79 -1.53
C ALA B 305 -27.90 -37.77 -0.05
N GLU B 306 -27.02 -38.66 0.39
CA GLU B 306 -26.49 -38.53 1.75
C GLU B 306 -25.65 -37.25 1.86
N ASN B 307 -24.85 -36.96 0.84
CA ASN B 307 -24.09 -35.71 0.80
C ASN B 307 -25.01 -34.51 0.84
N ARG B 308 -26.05 -34.50 0.02
CA ARG B 308 -27.00 -33.39 0.00
C ARG B 308 -27.55 -33.10 1.38
N GLU B 309 -27.80 -34.15 2.16
CA GLU B 309 -28.38 -33.97 3.49
C GLU B 309 -27.38 -33.43 4.50
N ILE B 310 -26.09 -33.75 4.31
CA ILE B 310 -25.05 -33.18 5.14
C ILE B 310 -24.96 -31.67 4.92
N LEU B 311 -25.16 -31.23 3.67
CA LEU B 311 -24.96 -29.83 3.32
C LEU B 311 -26.15 -28.97 3.71
N LYS B 312 -27.36 -29.53 3.76
CA LYS B 312 -28.50 -28.77 4.26
C LYS B 312 -28.54 -28.71 5.78
N GLU B 313 -27.89 -29.64 6.45
CA GLU B 313 -27.84 -29.61 7.89
C GLU B 313 -26.88 -28.52 8.35
N PRO B 314 -27.23 -27.72 9.35
CA PRO B 314 -26.28 -26.75 9.91
C PRO B 314 -24.97 -27.43 10.25
N VAL B 315 -23.85 -26.73 10.04
CA VAL B 315 -22.56 -27.32 10.40
C VAL B 315 -22.44 -27.37 11.92
N HIS B 316 -21.71 -28.36 12.41
CA HIS B 316 -21.61 -28.62 13.85
C HIS B 316 -20.15 -28.59 14.27
N GLY B 317 -19.94 -28.66 15.58
CA GLY B 317 -18.61 -28.77 16.14
C GLY B 317 -17.75 -27.53 16.06
N VAL B 318 -18.32 -26.36 15.74
CA VAL B 318 -17.61 -25.09 15.74
C VAL B 318 -18.24 -24.15 16.76
N TYR B 319 -17.39 -23.59 17.63
CA TYR B 319 -17.83 -22.74 18.73
C TYR B 319 -16.86 -21.58 18.87
N TYR B 320 -17.40 -20.36 19.00
CA TYR B 320 -16.58 -19.14 19.14
C TYR B 320 -15.71 -19.16 20.39
N ASP B 321 -14.42 -18.93 20.20
CA ASP B 321 -13.46 -18.74 21.28
C ASP B 321 -13.18 -17.25 21.42
N PRO B 322 -13.20 -16.66 22.62
CA PRO B 322 -12.86 -15.24 22.74
C PRO B 322 -11.37 -14.96 22.82
N SER B 323 -10.54 -15.91 23.21
CA SER B 323 -9.11 -15.65 23.25
C SER B 323 -8.45 -15.66 21.87
N LYS B 324 -9.23 -15.63 20.79
CA LYS B 324 -8.69 -15.78 19.44
C LYS B 324 -9.31 -14.75 18.50
N ASP B 325 -8.52 -14.33 17.51
CA ASP B 325 -8.97 -13.33 16.55
C ASP B 325 -9.97 -13.91 15.57
N LEU B 326 -11.00 -13.14 15.25
CA LEU B 326 -11.83 -13.46 14.10
C LEU B 326 -11.06 -13.17 12.80
N ILE B 327 -11.28 -14.00 11.77
CA ILE B 327 -10.75 -13.74 10.44
C ILE B 327 -11.89 -13.72 9.44
N ALA B 328 -11.87 -12.74 8.52
CA ALA B 328 -12.89 -12.63 7.47
C ALA B 328 -12.22 -12.74 6.11
N GLU B 329 -12.77 -13.61 5.25
CA GLU B 329 -12.21 -13.84 3.93
C GLU B 329 -13.30 -13.63 2.90
N ILE B 330 -12.95 -12.97 1.81
CA ILE B 330 -13.91 -12.55 0.79
C ILE B 330 -13.40 -12.98 -0.57
N GLN B 331 -14.27 -13.56 -1.38
CA GLN B 331 -13.91 -14.04 -2.70
C GLN B 331 -14.72 -13.27 -3.72
N LYS B 332 -14.03 -12.73 -4.73
CA LYS B 332 -14.67 -12.10 -5.88
C LYS B 332 -15.38 -13.19 -6.64
N GLN B 333 -16.68 -13.37 -6.37
CA GLN B 333 -17.30 -14.60 -6.85
C GLN B 333 -17.65 -14.51 -8.32
N GLY B 334 -18.28 -13.41 -8.69
CA GLY B 334 -18.68 -13.19 -10.05
C GLY B 334 -19.05 -11.74 -10.14
N GLN B 335 -19.28 -11.30 -11.37
CA GLN B 335 -19.62 -9.92 -11.65
C GLN B 335 -20.77 -9.47 -10.76
N GLY B 336 -20.50 -8.47 -9.92
CA GLY B 336 -21.48 -7.89 -9.03
C GLY B 336 -21.77 -8.69 -7.80
N GLN B 337 -20.98 -9.72 -7.49
CA GLN B 337 -21.29 -10.65 -6.42
C GLN B 337 -20.03 -11.09 -5.69
N TRP B 338 -20.19 -11.29 -4.38
CA TRP B 338 -19.07 -11.56 -3.49
C TRP B 338 -19.52 -12.57 -2.45
N THR B 339 -18.63 -13.51 -2.11
CA THR B 339 -18.86 -14.51 -1.07
C THR B 339 -17.93 -14.25 0.09
N TYR B 340 -18.37 -14.55 1.31
CA TYR B 340 -17.49 -14.32 2.45
C TYR B 340 -17.68 -15.39 3.54
N GLN B 341 -16.70 -15.42 4.45
CA GLN B 341 -16.68 -16.32 5.59
C GLN B 341 -16.01 -15.61 6.76
N ILE B 342 -16.62 -15.70 7.93
CA ILE B 342 -16.03 -15.26 9.19
C ILE B 342 -15.63 -16.52 9.96
N TYR B 343 -14.35 -16.67 10.27
CA TYR B 343 -13.88 -17.86 10.93
C TYR B 343 -12.71 -17.54 11.83
N GLN B 344 -12.43 -18.43 12.79
CA GLN B 344 -11.23 -18.31 13.60
C GLN B 344 -10.22 -19.40 13.36
N GLU B 345 -10.69 -20.60 13.04
CA GLU B 345 -9.77 -21.62 12.59
C GLU B 345 -10.24 -22.14 11.23
N PRO B 346 -9.30 -22.50 10.34
CA PRO B 346 -9.66 -22.86 8.97
C PRO B 346 -10.78 -23.88 8.88
N PHE B 347 -11.74 -23.57 8.02
CA PHE B 347 -12.86 -24.41 7.61
C PHE B 347 -13.94 -24.47 8.67
N LYS B 348 -13.82 -23.73 9.76
CA LYS B 348 -14.80 -23.75 10.82
C LYS B 348 -15.56 -22.42 10.86
N ASN B 349 -16.33 -22.16 9.80
CA ASN B 349 -16.86 -20.82 9.56
C ASN B 349 -17.98 -20.50 10.56
N LEU B 350 -17.79 -19.47 11.40
CA LEU B 350 -18.90 -19.04 12.25
C LEU B 350 -19.96 -18.27 11.48
N LYS B 351 -19.71 -17.95 10.23
CA LYS B 351 -20.69 -17.31 9.38
C LYS B 351 -20.19 -17.46 7.97
N THR B 352 -21.12 -17.52 7.02
CA THR B 352 -20.79 -17.43 5.59
C THR B 352 -21.93 -16.66 4.94
N GLY B 353 -21.67 -16.11 3.77
CA GLY B 353 -22.72 -15.29 3.19
C GLY B 353 -22.38 -14.82 1.80
N LYS B 354 -23.26 -13.95 1.30
CA LYS B 354 -23.20 -13.47 -0.07
C LYS B 354 -23.65 -12.01 -0.08
N TYR B 355 -22.75 -11.11 -0.50
CA TYR B 355 -23.09 -9.73 -0.81
C TYR B 355 -23.12 -9.59 -2.33
N ALA B 356 -24.18 -8.94 -2.83
CA ALA B 356 -24.33 -8.62 -4.24
C ALA B 356 -24.67 -7.13 -4.37
N ARG B 357 -24.22 -6.54 -5.49
CA ARG B 357 -24.21 -5.09 -5.73
C ARG B 357 -25.44 -4.34 -5.23
N THR B 363 -21.02 1.70 -9.30
CA THR B 363 -20.42 0.50 -8.70
C THR B 363 -19.28 -0.10 -9.51
N ASN B 364 -18.23 -0.48 -8.79
CA ASN B 364 -17.10 -1.19 -9.33
C ASN B 364 -16.62 -2.16 -8.26
N ASP B 365 -15.57 -2.92 -8.58
CA ASP B 365 -15.04 -3.87 -7.62
C ASP B 365 -14.66 -3.16 -6.31
N VAL B 366 -13.84 -2.11 -6.39
CA VAL B 366 -13.37 -1.48 -5.17
C VAL B 366 -14.52 -0.86 -4.38
N LYS B 367 -15.57 -0.42 -5.04
CA LYS B 367 -16.66 0.18 -4.29
C LYS B 367 -17.45 -0.89 -3.54
N GLN B 368 -17.72 -2.02 -4.21
CA GLN B 368 -18.47 -3.12 -3.60
C GLN B 368 -17.67 -3.74 -2.45
N LEU B 369 -16.40 -4.01 -2.69
CA LEU B 369 -15.54 -4.57 -1.65
C LEU B 369 -15.58 -3.71 -0.39
N THR B 370 -15.40 -2.39 -0.53
CA THR B 370 -15.45 -1.49 0.63
C THR B 370 -16.80 -1.54 1.32
N GLU B 371 -17.87 -1.61 0.54
CA GLU B 371 -19.20 -1.76 1.14
C GLU B 371 -19.37 -3.16 1.74
N ALA B 372 -18.77 -4.18 1.11
CA ALA B 372 -18.82 -5.51 1.71
C ALA B 372 -17.96 -5.58 2.97
N VAL B 373 -16.77 -4.98 2.95
CA VAL B 373 -15.94 -4.96 4.15
C VAL B 373 -16.70 -4.28 5.28
N GLN B 374 -17.42 -3.20 4.98
CA GLN B 374 -18.08 -2.48 6.05
C GLN B 374 -19.28 -3.24 6.59
N LYS B 375 -20.09 -3.85 5.72
CA LYS B 375 -21.21 -4.65 6.21
C LYS B 375 -20.71 -5.76 7.12
N ILE B 376 -19.71 -6.52 6.67
CA ILE B 376 -19.23 -7.63 7.50
C ILE B 376 -18.75 -7.12 8.85
N THR B 377 -18.15 -5.95 8.91
CA THR B 377 -17.61 -5.52 10.20
C THR B 377 -18.74 -5.14 11.14
N THR B 378 -19.78 -4.50 10.61
CA THR B 378 -20.93 -4.19 11.45
C THR B 378 -21.54 -5.47 12.01
N GLU B 379 -21.91 -6.38 11.11
CA GLU B 379 -22.40 -7.70 11.49
C GLU B 379 -21.53 -8.32 12.57
N SER B 380 -20.22 -8.29 12.36
CA SER B 380 -19.31 -8.99 13.26
C SER B 380 -19.22 -8.31 14.63
N ILE B 381 -19.38 -6.99 14.69
CA ILE B 381 -19.42 -6.32 15.98
C ILE B 381 -20.59 -6.84 16.80
N VAL B 382 -21.80 -6.62 16.29
CA VAL B 382 -23.03 -6.97 17.00
C VAL B 382 -22.94 -8.35 17.60
N ILE B 383 -22.52 -9.31 16.78
CA ILE B 383 -22.50 -10.72 17.14
C ILE B 383 -21.40 -11.06 18.14
N TRP B 384 -20.25 -10.40 18.09
CA TRP B 384 -19.18 -10.71 19.03
C TRP B 384 -18.55 -9.48 19.68
N GLY B 385 -18.84 -8.27 19.21
CA GLY B 385 -18.17 -7.09 19.71
C GLY B 385 -16.69 -7.08 19.43
N LYS B 386 -16.28 -7.63 18.29
CA LYS B 386 -14.92 -7.53 17.80
C LYS B 386 -15.00 -7.32 16.31
N THR B 387 -13.96 -6.76 15.76
CA THR B 387 -13.92 -6.74 14.30
C THR B 387 -12.96 -7.80 13.79
N PRO B 388 -13.21 -8.39 12.63
CA PRO B 388 -12.31 -9.42 12.10
C PRO B 388 -11.16 -8.83 11.30
N LYS B 389 -10.09 -9.61 11.20
CA LYS B 389 -8.95 -9.28 10.35
C LYS B 389 -9.26 -9.72 8.93
N PHE B 390 -9.35 -8.80 7.97
CA PHE B 390 -9.82 -9.15 6.64
C PHE B 390 -8.71 -9.67 5.72
N LYS B 391 -9.06 -10.62 4.84
CA LYS B 391 -8.16 -11.14 3.80
C LYS B 391 -8.69 -10.71 2.43
N LEU B 392 -8.13 -9.64 1.87
CA LEU B 392 -8.84 -9.07 0.74
C LEU B 392 -8.19 -9.44 -0.58
N PRO B 393 -8.98 -9.78 -1.59
CA PRO B 393 -8.41 -10.20 -2.90
C PRO B 393 -8.11 -9.00 -3.78
N ILE B 394 -7.05 -8.26 -3.47
CA ILE B 394 -6.81 -7.00 -4.18
C ILE B 394 -5.39 -6.54 -3.93
N GLN B 395 -4.71 -6.04 -4.95
CA GLN B 395 -3.35 -5.59 -4.71
C GLN B 395 -3.37 -4.44 -3.71
N LYS B 396 -2.35 -4.36 -2.86
CA LYS B 396 -2.43 -3.45 -1.72
C LYS B 396 -2.48 -2.01 -2.17
N GLU B 397 -1.59 -1.64 -3.08
CA GLU B 397 -1.52 -0.25 -3.51
C GLU B 397 -2.85 0.21 -4.08
N THR B 398 -3.48 -0.60 -4.93
CA THR B 398 -4.78 -0.20 -5.47
C THR B 398 -5.81 -0.02 -4.36
N TRP B 399 -5.73 -0.80 -3.29
CA TRP B 399 -6.64 -0.59 -2.17
C TRP B 399 -6.34 0.73 -1.46
N GLU B 400 -5.06 0.96 -1.16
CA GLU B 400 -4.70 2.19 -0.46
C GLU B 400 -5.17 3.43 -1.22
N THR B 401 -5.22 3.35 -2.56
CA THR B 401 -5.62 4.49 -3.37
C THR B 401 -7.10 4.84 -3.21
N TRP B 402 -7.97 3.85 -3.29
CA TRP B 402 -9.39 4.12 -3.48
C TRP B 402 -10.29 3.81 -2.28
N TRP B 403 -9.78 3.28 -1.17
CA TRP B 403 -10.71 2.81 -0.15
C TRP B 403 -11.45 3.94 0.54
N THR B 404 -10.79 5.09 0.76
CA THR B 404 -11.44 6.22 1.40
C THR B 404 -12.45 6.86 0.51
N GLU B 405 -12.41 6.56 -0.78
CA GLU B 405 -13.40 7.11 -1.69
C GLU B 405 -14.81 6.67 -1.34
N TYR B 406 -14.97 5.54 -0.65
CA TYR B 406 -16.28 5.00 -0.33
C TYR B 406 -16.41 4.61 1.13
N TRP B 407 -15.35 4.74 1.91
CA TRP B 407 -15.42 4.40 3.32
C TRP B 407 -16.33 5.38 4.02
N GLN B 408 -17.11 4.86 4.96
CA GLN B 408 -18.04 5.66 5.72
C GLN B 408 -17.91 5.44 7.21
N ALA B 409 -17.30 4.37 7.66
CA ALA B 409 -17.33 4.09 9.08
C ALA B 409 -16.27 4.89 9.80
N THR B 410 -16.37 4.90 11.12
CA THR B 410 -15.47 5.69 11.94
C THR B 410 -14.26 4.90 12.42
N TRP B 411 -14.31 3.56 12.32
CA TRP B 411 -13.21 2.67 12.65
C TRP B 411 -12.54 2.17 11.37
N VAL B 412 -11.38 1.54 11.53
CA VAL B 412 -10.69 0.92 10.40
C VAL B 412 -10.21 -0.46 10.87
N PRO B 413 -10.65 -1.54 10.24
CA PRO B 413 -10.25 -2.88 10.69
C PRO B 413 -8.81 -3.20 10.32
N GLU B 414 -8.34 -4.35 10.79
CA GLU B 414 -7.13 -4.93 10.24
C GLU B 414 -7.39 -5.44 8.84
N TRP B 415 -6.35 -5.49 8.02
CA TRP B 415 -6.56 -6.10 6.71
C TRP B 415 -5.24 -6.48 6.06
N GLU B 416 -5.34 -7.49 5.21
CA GLU B 416 -4.21 -8.23 4.67
C GLU B 416 -4.59 -8.56 3.23
N PHE B 417 -3.58 -8.71 2.37
CA PHE B 417 -3.86 -8.86 0.95
C PHE B 417 -3.39 -10.22 0.48
N VAL B 418 -4.31 -11.00 -0.11
CA VAL B 418 -4.16 -12.43 -0.34
C VAL B 418 -4.59 -12.75 -1.75
N ASN B 419 -4.39 -14.01 -2.16
CA ASN B 419 -4.96 -14.56 -3.38
C ASN B 419 -6.03 -15.60 -3.04
N THR B 420 -6.90 -15.89 -4.01
CA THR B 420 -8.01 -16.80 -3.80
C THR B 420 -7.73 -18.14 -4.47
N PRO B 421 -7.64 -19.25 -3.72
CA PRO B 421 -7.62 -20.57 -4.35
C PRO B 421 -8.90 -20.82 -5.13
N PRO B 422 -8.79 -21.27 -6.39
CA PRO B 422 -10.00 -21.44 -7.23
C PRO B 422 -11.02 -22.38 -6.62
N LEU B 423 -10.56 -23.40 -5.89
CA LEU B 423 -11.48 -24.32 -5.26
C LEU B 423 -12.36 -23.62 -4.24
N VAL B 424 -11.83 -22.56 -3.59
CA VAL B 424 -12.57 -21.86 -2.53
C VAL B 424 -13.74 -21.08 -3.12
N LYS B 425 -13.55 -20.44 -4.28
CA LYS B 425 -14.68 -19.71 -4.85
C LYS B 425 -15.69 -20.68 -5.41
N LEU B 426 -15.21 -21.66 -6.19
CA LEU B 426 -16.10 -22.67 -6.76
C LEU B 426 -16.96 -23.30 -5.68
N TRP B 427 -16.40 -23.54 -4.49
CA TRP B 427 -17.23 -24.14 -3.46
C TRP B 427 -18.29 -23.16 -2.98
N TYR B 428 -17.88 -21.97 -2.52
CA TYR B 428 -18.91 -21.18 -1.84
C TYR B 428 -19.89 -20.57 -2.80
N GLN B 429 -19.73 -20.82 -4.11
CA GLN B 429 -20.65 -20.30 -5.12
C GLN B 429 -22.07 -20.85 -4.94
N LEU B 430 -22.18 -22.02 -4.32
CA LEU B 430 -23.41 -22.79 -4.30
C LEU B 430 -24.34 -22.39 -3.16
N GLU B 431 -23.97 -21.44 -2.31
CA GLU B 431 -24.90 -21.02 -1.27
C GLU B 431 -26.22 -20.54 -1.89
N LYS B 432 -27.33 -20.80 -1.21
CA LYS B 432 -28.64 -20.39 -1.69
C LYS B 432 -28.87 -18.93 -1.37
N GLU B 433 -29.16 -18.11 -2.40
CA GLU B 433 -29.44 -16.70 -2.17
C GLU B 433 -30.88 -16.51 -1.70
N PRO B 434 -31.12 -15.66 -0.71
CA PRO B 434 -32.49 -15.45 -0.23
C PRO B 434 -33.32 -14.67 -1.25
N ILE B 435 -34.64 -14.71 -1.08
CA ILE B 435 -35.56 -14.00 -1.97
C ILE B 435 -36.36 -12.91 -1.23
#